data_9BAG
#
_entry.id   9BAG
#
_cell.length_a   126.410
_cell.length_b   91.863
_cell.length_c   86.998
_cell.angle_alpha   90.000
_cell.angle_beta   101.370
_cell.angle_gamma   90.000
#
_symmetry.space_group_name_H-M   'C 1 2 1'
#
loop_
_entity.id
_entity.type
_entity.pdbx_description
1 polymer 'Ketol-acid reductoisomerase, chloroplastic'
2 non-polymer 'MAGNESIUM ION'
3 non-polymer 6-hydroxy-2-phenyl[1,3]thiazolo[4,5-d]pyrimidine-5,7(4H,6H)-dione
4 water water
#
_entity_poly.entity_id   1
_entity_poly.type   'polypeptide(L)'
_entity_poly.pdbx_seq_one_letter_code
;MVAAPPAVGAAMPSLDFDTSVFNKEKVSLAGHEEYIVRGGRNLFPLLPEAFKGIKQIGVIGWGSQGPAQAQNLRDSLAEA
KSDIVVKIGLRKGSKSFDEARAAGFTEESGTLGDIWETVSGSDLVLLLISDAAQADNYEKIFSHMKPNSILGLSHGFLLG
HLQSAGLDFPKNISVIAVCPKGMGPSVRRLYVQGKEINGAGINSSFAVHQDVDGRATDVALGWSVALGSPFTFATTLEQE
YKSDIFGERGILLGAVHGIVEALFRRYTEQGMDEEMAYKNTVEGITGIISKTISKKGMLEVYNSLTEEGKKEFNKAYSAS
FYPCMDILYECYEDVASGSEIRSVVLAGRRFYEKEGLPAFPMGNIDQTRMWKVGEKVRSTRPENDLGPLHPFTAGVYVAL
MMAQIEVLRKKGHSYSEIINESVIESVDSLNPFMHARGVAFMVDNCSTTARLGSRKWAPRFDYILTQQAFVTVDKDAPIN
QDLISNFMSDPVHGAIEVCAELRPTVDISVPANADFVRPELRQSS
;
_entity_poly.pdbx_strand_id   A,B
#
loop_
_chem_comp.id
_chem_comp.type
_chem_comp.name
_chem_comp.formula
A1AKJ non-polymer 6-hydroxy-2-phenyl[1,3]thiazolo[4,5-d]pyrimidine-5,7(4H,6H)-dione 'C11 H7 N3 O3 S'
MG non-polymer 'MAGNESIUM ION' 'Mg 2'
#
# COMPACT_ATOMS: atom_id res chain seq x y z
N LEU A 15 -27.93 14.00 -3.99
CA LEU A 15 -28.25 12.73 -4.63
C LEU A 15 -29.75 12.46 -4.64
N ASP A 16 -30.33 12.38 -5.84
CA ASP A 16 -31.75 12.18 -6.01
C ASP A 16 -31.98 10.97 -6.91
N PHE A 17 -33.20 10.42 -6.80
CA PHE A 17 -33.63 9.31 -7.64
C PHE A 17 -35.12 9.43 -7.87
N ASP A 18 -35.62 8.72 -8.88
CA ASP A 18 -37.03 8.77 -9.23
C ASP A 18 -37.60 7.36 -9.15
N THR A 19 -38.56 7.16 -8.25
CA THR A 19 -39.21 5.87 -8.04
C THR A 19 -40.70 6.03 -8.23
N SER A 20 -41.28 5.21 -9.09
CA SER A 20 -42.72 5.24 -9.33
CA SER A 20 -42.73 5.23 -9.33
C SER A 20 -43.49 4.33 -8.37
N VAL A 21 -42.90 3.21 -7.96
CA VAL A 21 -43.59 2.26 -7.12
C VAL A 21 -43.54 2.68 -5.66
N PHE A 22 -42.36 3.06 -5.16
CA PHE A 22 -42.21 3.35 -3.75
C PHE A 22 -42.21 4.86 -3.52
N ASN A 23 -42.48 5.22 -2.26
CA ASN A 23 -42.49 6.61 -1.84
C ASN A 23 -41.17 6.93 -1.16
N LYS A 24 -40.54 8.02 -1.58
CA LYS A 24 -39.25 8.45 -1.07
C LYS A 24 -39.44 9.49 0.02
N GLU A 25 -38.62 9.39 1.07
CA GLU A 25 -38.74 10.26 2.23
C GLU A 25 -37.49 11.13 2.35
N LYS A 26 -37.66 12.35 2.84
CA LYS A 26 -36.55 13.27 3.01
C LYS A 26 -36.07 13.25 4.45
N VAL A 27 -34.76 13.35 4.63
CA VAL A 27 -34.13 13.43 5.94
C VAL A 27 -33.12 14.58 5.90
N SER A 28 -33.11 15.37 6.96
CA SER A 28 -32.17 16.48 7.09
C SER A 28 -31.04 16.06 8.02
N LEU A 29 -29.81 16.15 7.54
CA LEU A 29 -28.62 15.75 8.28
C LEU A 29 -27.62 16.90 8.22
N ALA A 30 -27.44 17.60 9.34
CA ALA A 30 -26.54 18.75 9.39
C ALA A 30 -26.86 19.77 8.31
N GLY A 31 -28.15 19.91 7.99
CA GLY A 31 -28.58 20.83 6.96
C GLY A 31 -28.49 20.32 5.54
N HIS A 32 -28.23 19.02 5.36
CA HIS A 32 -28.11 18.41 4.04
C HIS A 32 -29.24 17.41 3.88
N GLU A 33 -30.05 17.61 2.85
CA GLU A 33 -31.16 16.71 2.60
C GLU A 33 -30.68 15.44 1.92
N GLU A 34 -31.21 14.30 2.37
CA GLU A 34 -31.06 13.05 1.66
C GLU A 34 -32.42 12.41 1.48
N TYR A 35 -32.50 11.50 0.53
CA TYR A 35 -33.71 10.75 0.25
C TYR A 35 -33.52 9.31 0.70
N ILE A 36 -34.46 8.81 1.50
CA ILE A 36 -34.44 7.43 1.95
C ILE A 36 -35.78 6.81 1.57
N VAL A 37 -35.81 5.48 1.55
CA VAL A 37 -37.02 4.73 1.26
C VAL A 37 -37.28 3.82 2.44
N ARG A 38 -38.41 4.05 3.11
CA ARG A 38 -38.82 3.20 4.22
C ARG A 38 -39.29 1.85 3.69
N GLY A 39 -38.88 0.79 4.35
CA GLY A 39 -39.26 -0.56 4.00
C GLY A 39 -40.43 -1.06 4.83
N GLY A 40 -40.49 -2.37 5.01
CA GLY A 40 -41.51 -2.97 5.86
C GLY A 40 -42.34 -4.03 5.15
N ARG A 41 -42.76 -5.03 5.93
CA ARG A 41 -43.62 -6.07 5.37
C ARG A 41 -44.88 -5.48 4.76
N ASN A 42 -45.32 -4.32 5.23
CA ASN A 42 -46.57 -3.73 4.73
C ASN A 42 -46.46 -3.34 3.26
N LEU A 43 -45.24 -3.19 2.74
CA LEU A 43 -45.03 -2.79 1.36
C LEU A 43 -44.93 -3.96 0.39
N PHE A 44 -44.90 -5.20 0.89
CA PHE A 44 -44.73 -6.34 0.00
C PHE A 44 -45.80 -6.41 -1.08
N PRO A 45 -47.01 -5.87 -0.87
CA PRO A 45 -47.97 -5.82 -1.98
C PRO A 45 -47.48 -5.04 -3.18
N LEU A 46 -46.48 -4.17 -3.01
CA LEU A 46 -45.95 -3.36 -4.10
C LEU A 46 -44.83 -4.06 -4.88
N LEU A 47 -44.38 -5.22 -4.42
CA LEU A 47 -43.28 -5.90 -5.09
C LEU A 47 -43.61 -6.32 -6.51
N PRO A 48 -44.79 -6.86 -6.81
CA PRO A 48 -45.09 -7.24 -8.20
C PRO A 48 -44.85 -6.13 -9.20
N GLU A 49 -45.14 -4.89 -8.84
CA GLU A 49 -44.93 -3.79 -9.79
C GLU A 49 -43.48 -3.34 -9.81
N ALA A 50 -42.82 -3.35 -8.64
CA ALA A 50 -41.40 -3.02 -8.61
C ALA A 50 -40.59 -3.96 -9.51
N PHE A 51 -40.98 -5.23 -9.58
CA PHE A 51 -40.25 -6.25 -10.31
C PHE A 51 -40.84 -6.55 -11.68
N LYS A 52 -41.55 -5.60 -12.30
CA LYS A 52 -42.10 -5.87 -13.61
C LYS A 52 -40.98 -6.13 -14.60
N GLY A 53 -41.22 -7.06 -15.52
CA GLY A 53 -40.20 -7.51 -16.46
C GLY A 53 -39.30 -8.59 -15.93
N ILE A 54 -39.44 -8.99 -14.68
CA ILE A 54 -38.63 -10.05 -14.08
C ILE A 54 -39.49 -11.28 -13.88
N LYS A 55 -39.10 -12.40 -14.50
CA LYS A 55 -39.71 -13.69 -14.24
C LYS A 55 -38.81 -14.62 -13.42
N GLN A 56 -37.50 -14.39 -13.41
CA GLN A 56 -36.58 -15.20 -12.64
C GLN A 56 -35.50 -14.31 -12.05
N ILE A 57 -35.28 -14.42 -10.75
CA ILE A 57 -34.13 -13.82 -10.09
C ILE A 57 -33.09 -14.91 -9.86
N GLY A 58 -31.90 -14.71 -10.41
CA GLY A 58 -30.80 -15.62 -10.18
C GLY A 58 -29.85 -15.13 -9.12
N VAL A 59 -29.81 -15.84 -8.00
CA VAL A 59 -28.88 -15.51 -6.94
C VAL A 59 -27.63 -16.33 -7.17
N ILE A 60 -26.56 -15.68 -7.54
CA ILE A 60 -25.32 -16.37 -7.84
C ILE A 60 -24.38 -16.34 -6.65
N GLY A 61 -24.18 -17.50 -6.05
CA GLY A 61 -23.33 -17.59 -4.90
C GLY A 61 -24.10 -17.85 -3.64
N TRP A 62 -23.43 -18.42 -2.66
CA TRP A 62 -24.06 -18.68 -1.38
C TRP A 62 -23.29 -17.85 -0.39
N GLY A 63 -22.39 -18.50 0.34
CA GLY A 63 -21.57 -17.78 1.27
C GLY A 63 -22.30 -17.04 2.36
N SER A 64 -21.79 -15.87 2.71
CA SER A 64 -22.38 -15.10 3.80
C SER A 64 -23.69 -14.38 3.46
N GLN A 65 -23.89 -14.02 2.20
CA GLN A 65 -25.09 -13.28 1.81
C GLN A 65 -26.13 -14.11 1.09
N GLY A 66 -25.69 -14.90 0.13
CA GLY A 66 -26.60 -15.70 -0.65
C GLY A 66 -27.76 -16.32 0.05
N PRO A 67 -27.47 -17.10 1.08
CA PRO A 67 -28.56 -17.80 1.75
C PRO A 67 -29.60 -16.81 2.19
N ALA A 68 -29.18 -15.80 2.90
CA ALA A 68 -30.15 -14.86 3.44
C ALA A 68 -30.92 -14.11 2.37
N GLN A 69 -30.22 -13.65 1.35
CA GLN A 69 -30.88 -12.89 0.33
C GLN A 69 -31.88 -13.77 -0.40
N ALA A 70 -31.48 -14.97 -0.74
CA ALA A 70 -32.35 -15.87 -1.46
C ALA A 70 -33.58 -16.25 -0.69
N GLN A 71 -33.39 -16.64 0.54
CA GLN A 71 -34.49 -17.01 1.38
C GLN A 71 -35.46 -15.85 1.62
N ASN A 72 -34.93 -14.67 1.88
CA ASN A 72 -35.79 -13.53 2.17
C ASN A 72 -36.53 -13.08 0.95
N LEU A 73 -35.87 -13.10 -0.20
CA LEU A 73 -36.53 -12.77 -1.43
C LEU A 73 -37.66 -13.77 -1.72
N ARG A 74 -37.39 -15.04 -1.51
CA ARG A 74 -38.38 -16.06 -1.76
C ARG A 74 -39.60 -15.86 -0.88
N ASP A 75 -39.36 -15.67 0.41
CA ASP A 75 -40.45 -15.43 1.37
C ASP A 75 -41.24 -14.16 1.08
N SER A 76 -40.55 -13.10 0.76
CA SER A 76 -41.21 -11.84 0.48
C SER A 76 -42.05 -11.95 -0.79
N LEU A 77 -41.55 -12.65 -1.78
CA LEU A 77 -42.27 -12.78 -3.02
C LEU A 77 -43.48 -13.66 -2.84
N ALA A 78 -43.38 -14.64 -1.98
CA ALA A 78 -44.52 -15.49 -1.68
C ALA A 78 -45.59 -14.70 -0.95
N GLU A 79 -45.18 -13.85 -0.03
CA GLU A 79 -46.13 -13.01 0.68
C GLU A 79 -46.81 -12.06 -0.29
N ALA A 80 -46.09 -11.63 -1.31
CA ALA A 80 -46.65 -10.74 -2.30
C ALA A 80 -47.48 -11.47 -3.32
N LYS A 81 -47.51 -12.78 -3.21
CA LYS A 81 -48.23 -13.60 -4.17
C LYS A 81 -47.63 -13.45 -5.55
N SER A 82 -46.31 -13.35 -5.64
CA SER A 82 -45.64 -13.26 -6.93
C SER A 82 -45.32 -14.60 -7.50
N ASP A 83 -45.25 -14.68 -8.81
CA ASP A 83 -44.89 -15.92 -9.47
C ASP A 83 -43.42 -15.95 -9.88
N ILE A 84 -42.69 -14.93 -9.49
CA ILE A 84 -41.27 -14.87 -9.81
C ILE A 84 -40.54 -16.00 -9.13
N VAL A 85 -39.62 -16.62 -9.85
CA VAL A 85 -38.82 -17.68 -9.28
C VAL A 85 -37.44 -17.24 -8.83
N VAL A 86 -37.07 -17.62 -7.63
CA VAL A 86 -35.73 -17.34 -7.16
C VAL A 86 -34.91 -18.60 -7.39
N LYS A 87 -33.92 -18.51 -8.28
CA LYS A 87 -33.06 -19.65 -8.57
C LYS A 87 -31.62 -19.39 -8.17
N ILE A 88 -31.05 -20.32 -7.42
CA ILE A 88 -29.68 -20.17 -7.00
C ILE A 88 -28.74 -20.70 -8.06
N GLY A 89 -27.68 -19.96 -8.35
CA GLY A 89 -26.67 -20.39 -9.27
C GLY A 89 -25.39 -20.70 -8.56
N LEU A 90 -24.95 -21.94 -8.68
CA LEU A 90 -23.75 -22.37 -8.01
C LEU A 90 -23.04 -23.42 -8.82
N ARG A 91 -21.78 -23.64 -8.53
CA ARG A 91 -21.05 -24.72 -9.18
C ARG A 91 -21.28 -26.00 -8.41
N LYS A 92 -21.50 -27.08 -9.15
CA LYS A 92 -21.78 -28.37 -8.53
C LYS A 92 -20.72 -28.85 -7.56
N GLY A 93 -19.49 -28.42 -7.77
CA GLY A 93 -18.41 -28.86 -6.90
C GLY A 93 -18.30 -28.21 -5.55
N SER A 94 -19.10 -27.20 -5.28
CA SER A 94 -19.01 -26.49 -4.01
C SER A 94 -19.82 -27.18 -2.96
N LYS A 95 -19.42 -27.02 -1.72
CA LYS A 95 -20.19 -27.56 -0.64
C LYS A 95 -21.48 -26.78 -0.60
N SER A 96 -21.42 -25.51 -0.99
CA SER A 96 -22.61 -24.67 -1.00
C SER A 96 -23.75 -25.30 -1.78
N PHE A 97 -23.46 -26.24 -2.68
CA PHE A 97 -24.52 -26.86 -3.46
C PHE A 97 -25.48 -27.65 -2.58
N ASP A 98 -24.97 -28.32 -1.56
CA ASP A 98 -25.83 -29.08 -0.66
C ASP A 98 -26.52 -28.18 0.37
N GLU A 99 -25.85 -27.11 0.80
CA GLU A 99 -26.49 -26.16 1.69
C GLU A 99 -27.72 -25.53 1.03
N ALA A 100 -27.62 -25.21 -0.26
CA ALA A 100 -28.77 -24.67 -0.96
C ALA A 100 -29.90 -25.68 -1.00
N ARG A 101 -29.59 -26.96 -1.26
CA ARG A 101 -30.62 -28.00 -1.23
C ARG A 101 -31.23 -28.10 0.16
N ALA A 102 -30.41 -28.00 1.20
CA ALA A 102 -30.92 -28.03 2.57
C ALA A 102 -31.81 -26.84 2.89
N ALA A 103 -31.80 -25.80 2.06
CA ALA A 103 -32.70 -24.65 2.21
C ALA A 103 -33.92 -24.76 1.31
N GLY A 104 -34.10 -25.89 0.62
CA GLY A 104 -35.22 -26.07 -0.27
C GLY A 104 -35.02 -25.57 -1.68
N PHE A 105 -33.78 -25.32 -2.07
CA PHE A 105 -33.50 -24.92 -3.42
C PHE A 105 -32.99 -26.13 -4.18
N THR A 106 -33.77 -26.60 -5.15
CA THR A 106 -33.43 -27.82 -5.88
C THR A 106 -33.50 -27.70 -7.39
N GLU A 107 -32.63 -28.39 -8.10
CA GLU A 107 -32.60 -28.37 -9.55
C GLU A 107 -33.82 -29.03 -9.97
N GLU A 108 -34.20 -29.96 -9.14
CA GLU A 108 -35.32 -30.75 -9.43
C GLU A 108 -36.61 -29.86 -9.46
N SER A 109 -36.62 -28.73 -8.75
CA SER A 109 -37.76 -27.79 -8.74
C SER A 109 -37.56 -26.49 -9.52
N GLY A 110 -36.39 -26.31 -10.10
CA GLY A 110 -36.12 -25.13 -10.89
C GLY A 110 -35.55 -23.98 -10.10
N THR A 111 -35.07 -24.26 -8.90
CA THR A 111 -34.60 -23.22 -8.03
C THR A 111 -33.13 -23.37 -7.70
N LEU A 112 -32.46 -24.31 -8.34
CA LEU A 112 -31.03 -24.53 -8.14
C LEU A 112 -30.43 -24.98 -9.46
N GLY A 113 -29.26 -24.45 -9.80
CA GLY A 113 -28.63 -24.83 -11.05
C GLY A 113 -27.22 -24.30 -11.14
N ASP A 114 -26.53 -24.72 -12.20
CA ASP A 114 -25.20 -24.19 -12.47
C ASP A 114 -25.24 -22.68 -12.61
N ILE A 115 -24.15 -22.04 -12.19
CA ILE A 115 -24.06 -20.58 -12.26
C ILE A 115 -24.42 -20.09 -13.65
N TRP A 116 -23.76 -20.65 -14.66
CA TRP A 116 -23.85 -20.11 -16.01
C TRP A 116 -25.26 -20.25 -16.57
N GLU A 117 -25.85 -21.44 -16.45
CA GLU A 117 -27.22 -21.62 -16.91
C GLU A 117 -28.19 -20.75 -16.12
N THR A 118 -27.94 -20.56 -14.82
CA THR A 118 -28.81 -19.69 -14.04
C THR A 118 -28.71 -18.24 -14.52
N VAL A 119 -27.48 -17.74 -14.69
CA VAL A 119 -27.29 -16.38 -15.20
C VAL A 119 -28.06 -16.19 -16.49
N SER A 120 -27.89 -17.12 -17.44
CA SER A 120 -28.43 -16.94 -18.79
C SER A 120 -29.95 -16.88 -18.80
N GLY A 121 -30.61 -17.53 -17.83
CA GLY A 121 -32.06 -17.54 -17.76
C GLY A 121 -32.68 -16.52 -16.84
N SER A 122 -31.88 -15.67 -16.20
CA SER A 122 -32.36 -14.74 -15.20
C SER A 122 -32.57 -13.35 -15.81
N ASP A 123 -33.62 -12.67 -15.34
CA ASP A 123 -33.84 -11.27 -15.70
C ASP A 123 -33.18 -10.33 -14.70
N LEU A 124 -33.02 -10.77 -13.46
CA LEU A 124 -32.24 -10.06 -12.45
C LEU A 124 -31.18 -11.02 -11.93
N VAL A 125 -29.91 -10.64 -12.10
CA VAL A 125 -28.80 -11.47 -11.70
C VAL A 125 -28.15 -10.84 -10.48
N LEU A 126 -28.29 -11.50 -9.33
CA LEU A 126 -27.69 -11.04 -8.08
C LEU A 126 -26.35 -11.73 -7.91
N LEU A 127 -25.26 -10.98 -8.07
CA LEU A 127 -23.90 -11.53 -8.07
C LEU A 127 -23.35 -11.41 -6.65
N LEU A 128 -23.42 -12.50 -5.90
CA LEU A 128 -23.02 -12.55 -4.49
C LEU A 128 -21.78 -13.40 -4.26
N ILE A 129 -20.96 -13.61 -5.29
CA ILE A 129 -19.73 -14.38 -5.13
C ILE A 129 -18.62 -13.47 -4.62
N SER A 130 -17.52 -14.06 -4.17
CA SER A 130 -16.45 -13.28 -3.55
C SER A 130 -15.90 -12.25 -4.53
N ASP A 131 -15.33 -11.18 -3.96
CA ASP A 131 -14.60 -10.19 -4.73
C ASP A 131 -13.66 -10.85 -5.73
N ALA A 132 -12.87 -11.81 -5.27
CA ALA A 132 -11.86 -12.43 -6.12
C ALA A 132 -12.51 -13.21 -7.27
N ALA A 133 -13.58 -13.96 -6.98
CA ALA A 133 -14.29 -14.68 -8.03
C ALA A 133 -14.91 -13.70 -9.03
N GLN A 134 -15.35 -12.54 -8.54
CA GLN A 134 -15.94 -11.54 -9.43
C GLN A 134 -14.90 -10.99 -10.39
N ALA A 135 -13.70 -10.67 -9.88
CA ALA A 135 -12.64 -10.15 -10.72
C ALA A 135 -12.15 -11.18 -11.73
N ASP A 136 -12.24 -12.47 -11.40
CA ASP A 136 -11.75 -13.53 -12.27
C ASP A 136 -12.77 -13.97 -13.32
N ASN A 137 -14.06 -13.69 -13.12
CA ASN A 137 -15.11 -14.29 -13.95
C ASN A 137 -16.06 -13.28 -14.57
N TYR A 138 -15.82 -11.97 -14.42
CA TYR A 138 -16.82 -11.00 -14.88
C TYR A 138 -17.08 -11.13 -16.37
N GLU A 139 -16.02 -11.35 -17.18
CA GLU A 139 -16.21 -11.44 -18.62
C GLU A 139 -17.22 -12.52 -18.97
N LYS A 140 -17.12 -13.69 -18.31
CA LYS A 140 -18.03 -14.79 -18.60
C LYS A 140 -19.41 -14.56 -18.01
N ILE A 141 -19.50 -13.79 -16.92
CA ILE A 141 -20.81 -13.39 -16.41
C ILE A 141 -21.50 -12.46 -17.40
N PHE A 142 -20.77 -11.46 -17.90
CA PHE A 142 -21.34 -10.55 -18.87
C PHE A 142 -21.80 -11.30 -20.12
N SER A 143 -20.99 -12.27 -20.57
CA SER A 143 -21.31 -12.97 -21.81
C SER A 143 -22.59 -13.79 -21.71
N HIS A 144 -22.94 -14.25 -20.51
CA HIS A 144 -24.15 -15.06 -20.36
C HIS A 144 -25.39 -14.27 -20.02
N MET A 145 -25.28 -12.96 -19.80
CA MET A 145 -26.44 -12.18 -19.40
C MET A 145 -27.31 -11.89 -20.62
N LYS A 146 -28.62 -11.89 -20.40
CA LYS A 146 -29.56 -11.60 -21.46
C LYS A 146 -29.54 -10.11 -21.78
N PRO A 147 -29.74 -9.74 -23.05
CA PRO A 147 -29.82 -8.32 -23.39
C PRO A 147 -30.90 -7.63 -22.58
N ASN A 148 -30.57 -6.46 -22.04
CA ASN A 148 -31.46 -5.61 -21.26
C ASN A 148 -31.80 -6.19 -19.89
N SER A 149 -31.07 -7.22 -19.44
CA SER A 149 -31.28 -7.73 -18.10
C SER A 149 -30.62 -6.80 -17.09
N ILE A 150 -30.69 -7.16 -15.81
CA ILE A 150 -30.20 -6.33 -14.72
C ILE A 150 -29.19 -7.11 -13.89
N LEU A 151 -28.01 -6.53 -13.70
CA LEU A 151 -26.98 -7.08 -12.84
C LEU A 151 -27.02 -6.33 -11.51
N GLY A 152 -27.21 -7.08 -10.42
CA GLY A 152 -27.25 -6.52 -9.08
C GLY A 152 -26.06 -6.98 -8.26
N LEU A 153 -25.43 -6.02 -7.59
CA LEU A 153 -24.29 -6.27 -6.72
C LEU A 153 -24.64 -5.84 -5.30
N SER A 154 -24.09 -6.56 -4.33
CA SER A 154 -24.24 -6.16 -2.93
CA SER A 154 -24.20 -6.21 -2.92
C SER A 154 -23.01 -5.41 -2.43
N HIS A 155 -22.10 -5.03 -3.33
CA HIS A 155 -20.89 -4.29 -3.03
C HIS A 155 -20.23 -3.96 -4.36
N GLY A 156 -19.59 -2.80 -4.46
CA GLY A 156 -19.11 -2.32 -5.74
C GLY A 156 -17.69 -2.68 -6.09
N PHE A 157 -17.13 -3.73 -5.47
CA PHE A 157 -15.76 -4.11 -5.76
C PHE A 157 -15.55 -4.26 -7.27
N LEU A 158 -16.48 -4.92 -7.95
CA LEU A 158 -16.31 -5.17 -9.38
C LEU A 158 -16.18 -3.88 -10.17
N LEU A 159 -16.94 -2.83 -9.79
CA LEU A 159 -16.78 -1.55 -10.47
C LEU A 159 -15.37 -1.02 -10.31
N GLY A 160 -14.83 -1.08 -9.08
CA GLY A 160 -13.47 -0.64 -8.86
C GLY A 160 -12.46 -1.43 -9.68
N HIS A 161 -12.68 -2.75 -9.79
CA HIS A 161 -11.75 -3.59 -10.54
C HIS A 161 -11.74 -3.18 -12.02
N LEU A 162 -12.93 -3.05 -12.61
CA LEU A 162 -13.01 -2.62 -14.01
C LEU A 162 -12.39 -1.24 -14.20
N GLN A 163 -12.74 -0.29 -13.33
CA GLN A 163 -12.23 1.07 -13.48
C GLN A 163 -10.72 1.13 -13.36
N SER A 164 -10.14 0.27 -12.51
CA SER A 164 -8.68 0.21 -12.39
C SER A 164 -8.02 -0.24 -13.68
N ALA A 165 -8.77 -0.86 -14.59
CA ALA A 165 -8.27 -1.25 -15.90
C ALA A 165 -8.81 -0.38 -17.03
N GLY A 166 -9.42 0.75 -16.68
CA GLY A 166 -10.02 1.62 -17.69
C GLY A 166 -11.25 1.05 -18.37
N LEU A 167 -11.93 0.12 -17.72
CA LEU A 167 -13.09 -0.57 -18.27
C LEU A 167 -14.34 -0.17 -17.52
N ASP A 168 -15.49 -0.64 -18.03
CA ASP A 168 -16.77 -0.44 -17.40
C ASP A 168 -17.66 -1.63 -17.74
N PHE A 169 -18.88 -1.62 -17.22
CA PHE A 169 -19.81 -2.71 -17.47
C PHE A 169 -20.27 -2.71 -18.93
N PRO A 170 -20.83 -3.81 -19.40
CA PRO A 170 -21.43 -3.80 -20.75
C PRO A 170 -22.55 -2.76 -20.83
N LYS A 171 -22.69 -2.20 -22.03
CA LYS A 171 -23.64 -1.13 -22.25
C LYS A 171 -25.07 -1.65 -22.34
N ASN A 172 -25.26 -2.93 -22.59
CA ASN A 172 -26.58 -3.48 -22.88
C ASN A 172 -27.27 -4.06 -21.66
N ILE A 173 -26.83 -3.72 -20.45
CA ILE A 173 -27.50 -4.18 -19.24
C ILE A 173 -27.55 -3.05 -18.23
N SER A 174 -28.54 -3.13 -17.35
CA SER A 174 -28.60 -2.26 -16.19
C SER A 174 -27.70 -2.81 -15.09
N VAL A 175 -27.20 -1.91 -14.24
CA VAL A 175 -26.34 -2.32 -13.14
C VAL A 175 -26.80 -1.57 -11.89
N ILE A 176 -27.18 -2.32 -10.87
CA ILE A 176 -27.69 -1.76 -9.62
C ILE A 176 -26.95 -2.40 -8.46
N ALA A 177 -27.11 -1.81 -7.28
CA ALA A 177 -26.49 -2.36 -6.08
C ALA A 177 -27.43 -2.14 -4.91
N VAL A 178 -27.56 -3.18 -4.08
CA VAL A 178 -28.20 -3.09 -2.78
C VAL A 178 -27.23 -3.66 -1.77
N CYS A 179 -26.73 -2.80 -0.88
CA CYS A 179 -25.58 -3.15 -0.07
C CYS A 179 -25.94 -3.15 1.40
N PRO A 180 -25.90 -4.29 2.07
CA PRO A 180 -26.26 -4.31 3.48
C PRO A 180 -25.33 -3.45 4.30
N LYS A 181 -25.89 -2.58 5.11
CA LYS A 181 -25.12 -1.94 6.16
C LYS A 181 -25.03 -2.84 7.40
N GLY A 182 -24.91 -4.14 7.17
CA GLY A 182 -24.95 -5.17 8.20
C GLY A 182 -23.94 -6.28 8.00
N LEU A 190 -32.82 -10.46 11.95
CA LEU A 190 -33.71 -9.37 12.31
C LEU A 190 -34.98 -9.39 11.47
N TYR A 191 -34.90 -9.93 10.27
CA TYR A 191 -36.08 -10.04 9.42
C TYR A 191 -37.13 -10.96 10.04
N VAL A 192 -36.70 -11.86 10.92
CA VAL A 192 -37.62 -12.76 11.59
C VAL A 192 -38.44 -12.02 12.64
N GLY A 199 -38.49 -2.05 12.50
CA GLY A 199 -37.08 -1.76 12.69
C GLY A 199 -36.20 -2.98 12.51
N ALA A 200 -36.76 -4.16 12.65
CA ALA A 200 -36.00 -5.39 12.51
C ALA A 200 -35.53 -5.60 11.10
N GLY A 201 -34.25 -5.92 10.93
CA GLY A 201 -33.67 -6.16 9.62
C GLY A 201 -32.36 -5.44 9.62
N ILE A 202 -31.76 -5.27 8.45
CA ILE A 202 -30.52 -4.54 8.31
C ILE A 202 -30.75 -3.47 7.27
N ASN A 203 -30.37 -2.24 7.57
CA ASN A 203 -30.51 -1.20 6.59
C ASN A 203 -29.61 -1.44 5.39
N SER A 204 -29.94 -0.81 4.29
CA SER A 204 -29.15 -0.95 3.08
C SER A 204 -28.94 0.41 2.44
N SER A 205 -27.89 0.49 1.62
CA SER A 205 -27.72 1.55 0.65
C SER A 205 -27.91 0.97 -0.74
N PHE A 206 -28.42 1.79 -1.65
CA PHE A 206 -28.66 1.31 -3.01
C PHE A 206 -28.13 2.31 -4.02
N ALA A 207 -27.79 1.78 -5.19
CA ALA A 207 -27.21 2.58 -6.26
C ALA A 207 -27.72 2.07 -7.60
N VAL A 208 -27.86 2.99 -8.54
CA VAL A 208 -28.19 2.68 -9.93
C VAL A 208 -27.03 3.17 -10.77
N HIS A 209 -26.21 2.24 -11.25
CA HIS A 209 -25.04 2.63 -12.01
C HIS A 209 -25.36 2.80 -13.48
N GLN A 210 -26.17 1.89 -14.02
CA GLN A 210 -26.63 1.91 -15.41
C GLN A 210 -28.11 1.59 -15.39
N ASP A 211 -28.89 2.30 -16.21
CA ASP A 211 -30.32 2.02 -16.31
C ASP A 211 -30.69 2.10 -17.79
N VAL A 212 -30.79 0.92 -18.43
CA VAL A 212 -30.99 0.90 -19.88
C VAL A 212 -32.45 0.98 -20.30
N ASP A 213 -33.40 0.81 -19.38
CA ASP A 213 -34.81 0.83 -19.76
C ASP A 213 -35.73 1.48 -18.74
N GLY A 214 -35.20 2.11 -17.69
CA GLY A 214 -36.03 2.82 -16.75
C GLY A 214 -36.61 2.00 -15.61
N ARG A 215 -36.39 0.69 -15.58
CA ARG A 215 -36.87 -0.12 -14.47
C ARG A 215 -35.87 -0.23 -13.33
N ALA A 216 -34.64 0.25 -13.51
CA ALA A 216 -33.55 -0.13 -12.60
C ALA A 216 -33.80 0.36 -11.18
N THR A 217 -34.28 1.59 -11.02
CA THR A 217 -34.47 2.12 -9.67
C THR A 217 -35.51 1.32 -8.89
N ASP A 218 -36.64 1.00 -9.52
CA ASP A 218 -37.69 0.28 -8.80
C ASP A 218 -37.31 -1.16 -8.49
N VAL A 219 -36.55 -1.82 -9.36
CA VAL A 219 -36.11 -3.17 -9.04
C VAL A 219 -35.12 -3.15 -7.88
N ALA A 220 -34.22 -2.17 -7.86
CA ALA A 220 -33.27 -2.08 -6.75
C ALA A 220 -34.00 -1.83 -5.43
N LEU A 221 -34.97 -0.91 -5.42
CA LEU A 221 -35.72 -0.66 -4.20
C LEU A 221 -36.58 -1.87 -3.82
N GLY A 222 -37.22 -2.50 -4.81
CA GLY A 222 -37.92 -3.74 -4.53
C GLY A 222 -37.01 -4.80 -3.94
N TRP A 223 -35.79 -4.91 -4.47
CA TRP A 223 -34.81 -5.84 -3.92
C TRP A 223 -34.52 -5.52 -2.46
N SER A 224 -34.20 -4.25 -2.16
CA SER A 224 -33.89 -3.87 -0.79
C SER A 224 -35.09 -4.07 0.13
N VAL A 225 -36.28 -3.65 -0.30
CA VAL A 225 -37.47 -3.82 0.53
C VAL A 225 -37.71 -5.29 0.80
N ALA A 226 -37.60 -6.14 -0.23
CA ALA A 226 -37.84 -7.57 -0.07
C ALA A 226 -36.82 -8.25 0.84
N LEU A 227 -35.62 -7.68 0.98
CA LEU A 227 -34.65 -8.22 1.92
C LEU A 227 -35.06 -7.98 3.36
N GLY A 228 -35.97 -7.04 3.60
CA GLY A 228 -36.31 -6.62 4.93
C GLY A 228 -35.59 -5.37 5.41
N SER A 229 -34.97 -4.62 4.52
CA SER A 229 -34.29 -3.40 4.92
C SER A 229 -35.29 -2.43 5.53
N PRO A 230 -35.17 -2.09 6.81
CA PRO A 230 -36.07 -1.06 7.37
C PRO A 230 -35.93 0.28 6.68
N PHE A 231 -34.70 0.69 6.38
CA PHE A 231 -34.46 1.91 5.64
C PHE A 231 -33.41 1.64 4.56
N THR A 232 -33.62 2.23 3.39
CA THR A 232 -32.69 2.09 2.27
C THR A 232 -32.18 3.47 1.89
N PHE A 233 -30.86 3.66 1.95
CA PHE A 233 -30.21 4.93 1.70
C PHE A 233 -29.71 5.00 0.26
N ALA A 234 -29.61 6.21 -0.26
CA ALA A 234 -29.18 6.44 -1.64
C ALA A 234 -27.68 6.72 -1.69
N THR A 235 -26.99 6.05 -2.59
CA THR A 235 -25.57 6.28 -2.83
C THR A 235 -25.28 6.02 -4.30
N THR A 236 -24.01 6.09 -4.67
CA THR A 236 -23.55 5.66 -5.98
C THR A 236 -22.65 4.44 -5.82
N LEU A 237 -22.56 3.64 -6.88
CA LEU A 237 -21.70 2.45 -6.82
C LEU A 237 -20.27 2.83 -6.52
N GLU A 238 -19.77 3.89 -7.16
CA GLU A 238 -18.40 4.35 -6.90
C GLU A 238 -18.20 4.72 -5.44
N GLN A 239 -19.11 5.53 -4.90
CA GLN A 239 -18.98 5.95 -3.51
C GLN A 239 -19.10 4.78 -2.55
N GLU A 240 -19.94 3.79 -2.88
CA GLU A 240 -20.08 2.62 -2.03
C GLU A 240 -18.76 1.87 -1.90
N TYR A 241 -18.14 1.51 -3.03
CA TYR A 241 -16.94 0.68 -2.96
C TYR A 241 -15.78 1.46 -2.36
N LYS A 242 -15.70 2.76 -2.66
CA LYS A 242 -14.67 3.58 -2.02
C LYS A 242 -14.86 3.62 -0.51
N SER A 243 -16.05 4.01 -0.05
CA SER A 243 -16.29 4.13 1.39
C SER A 243 -16.13 2.78 2.09
N ASP A 244 -16.55 1.69 1.44
CA ASP A 244 -16.48 0.37 2.08
C ASP A 244 -15.05 -0.11 2.21
N ILE A 245 -14.32 -0.17 1.09
CA ILE A 245 -12.95 -0.69 1.12
C ILE A 245 -12.04 0.22 1.94
N PHE A 246 -12.22 1.54 1.81
CA PHE A 246 -11.47 2.45 2.67
C PHE A 246 -11.85 2.29 4.13
N GLY A 247 -13.15 2.15 4.41
CA GLY A 247 -13.61 2.14 5.79
C GLY A 247 -13.05 0.98 6.60
N GLU A 248 -13.01 -0.22 6.01
CA GLU A 248 -12.47 -1.37 6.72
C GLU A 248 -10.97 -1.23 6.98
N ARG A 249 -10.27 -0.48 6.14
CA ARG A 249 -8.87 -0.16 6.37
C ARG A 249 -8.68 0.95 7.38
N GLY A 250 -9.72 1.77 7.58
CA GLY A 250 -9.74 2.77 8.62
C GLY A 250 -10.33 2.25 9.92
N ILE A 251 -11.23 3.02 10.53
CA ILE A 251 -11.64 2.75 11.91
C ILE A 251 -12.24 1.36 12.08
N LEU A 252 -12.93 0.83 11.05
CA LEU A 252 -13.62 -0.45 11.24
C LEU A 252 -12.66 -1.54 11.70
N LEU A 253 -11.48 -1.63 11.08
CA LEU A 253 -10.55 -2.71 11.38
C LEU A 253 -9.12 -2.21 11.49
N GLY A 254 -8.55 -1.77 10.36
CA GLY A 254 -7.13 -1.49 10.33
C GLY A 254 -6.69 -0.46 11.35
N ALA A 255 -7.38 0.69 11.39
CA ALA A 255 -6.93 1.80 12.23
C ALA A 255 -7.13 1.49 13.71
N VAL A 256 -8.27 0.91 14.08
CA VAL A 256 -8.52 0.57 15.48
C VAL A 256 -7.47 -0.40 15.98
N HIS A 257 -7.12 -1.40 15.16
CA HIS A 257 -6.07 -2.33 15.54
C HIS A 257 -4.75 -1.58 15.71
N GLY A 258 -4.41 -0.73 14.75
CA GLY A 258 -3.14 -0.02 14.81
C GLY A 258 -3.03 0.90 16.01
N ILE A 259 -4.13 1.56 16.39
CA ILE A 259 -4.04 2.48 17.51
C ILE A 259 -3.99 1.75 18.84
N VAL A 260 -4.67 0.60 18.98
CA VAL A 260 -4.60 -0.12 20.24
C VAL A 260 -3.23 -0.74 20.43
N GLU A 261 -2.57 -1.14 19.34
CA GLU A 261 -1.20 -1.62 19.45
C GLU A 261 -0.27 -0.49 19.87
N ALA A 262 -0.46 0.71 19.31
CA ALA A 262 0.39 1.84 19.66
C ALA A 262 0.12 2.31 21.08
N LEU A 263 -1.16 2.34 21.50
CA LEU A 263 -1.50 2.78 22.84
C LEU A 263 -1.10 1.78 23.91
N PHE A 264 -1.23 0.48 23.60
CA PHE A 264 -0.74 -0.54 24.52
C PHE A 264 0.76 -0.45 24.72
N ARG A 265 1.50 -0.23 23.63
CA ARG A 265 2.96 -0.15 23.73
C ARG A 265 3.39 1.09 24.49
N ARG A 266 2.70 2.21 24.28
CA ARG A 266 3.02 3.43 25.02
C ARG A 266 2.72 3.25 26.51
N TYR A 267 1.51 2.81 26.84
CA TYR A 267 1.13 2.66 28.24
C TYR A 267 2.10 1.76 28.99
N THR A 268 2.41 0.59 28.42
CA THR A 268 3.30 -0.34 29.11
C THR A 268 4.71 0.23 29.21
N GLU A 269 5.18 0.94 28.18
CA GLU A 269 6.47 1.62 28.26
C GLU A 269 6.49 2.69 29.33
N GLN A 270 5.33 3.21 29.71
CA GLN A 270 5.22 4.22 30.76
C GLN A 270 5.10 3.61 32.14
N GLY A 271 5.06 2.28 32.24
CA GLY A 271 5.01 1.60 33.52
C GLY A 271 3.69 0.94 33.86
N MET A 272 2.67 1.09 33.01
CA MET A 272 1.36 0.54 33.32
C MET A 272 1.38 -0.98 33.22
N ASP A 273 0.67 -1.63 34.16
CA ASP A 273 0.55 -3.08 34.11
C ASP A 273 -0.03 -3.52 32.76
N GLU A 274 0.48 -4.65 32.26
CA GLU A 274 0.03 -5.15 30.97
C GLU A 274 -1.48 -5.30 30.92
N GLU A 275 -2.07 -5.91 31.95
CA GLU A 275 -3.51 -6.14 31.91
C GLU A 275 -4.31 -4.85 32.05
N MET A 276 -3.82 -3.88 32.83
CA MET A 276 -4.48 -2.59 32.88
C MET A 276 -4.36 -1.86 31.54
N ALA A 277 -3.25 -2.06 30.84
CA ALA A 277 -3.08 -1.42 29.53
C ALA A 277 -4.02 -2.01 28.49
N TYR A 278 -4.17 -3.34 28.49
CA TYR A 278 -5.16 -3.94 27.60
C TYR A 278 -6.56 -3.43 27.92
N LYS A 279 -6.89 -3.35 29.21
CA LYS A 279 -8.19 -2.84 29.62
C LYS A 279 -8.39 -1.40 29.19
N ASN A 280 -7.36 -0.56 29.39
CA ASN A 280 -7.48 0.86 29.10
C ASN A 280 -7.49 1.15 27.60
N THR A 281 -7.17 0.16 26.77
CA THR A 281 -7.22 0.33 25.32
C THR A 281 -8.36 -0.46 24.72
N VAL A 282 -8.15 -1.77 24.51
CA VAL A 282 -9.14 -2.59 23.81
C VAL A 282 -10.47 -2.56 24.56
N GLU A 283 -10.47 -2.94 25.83
CA GLU A 283 -11.72 -3.06 26.56
C GLU A 283 -12.48 -1.74 26.60
N GLY A 284 -11.77 -0.63 26.85
CA GLY A 284 -12.43 0.66 26.88
C GLY A 284 -13.05 1.02 25.54
N ILE A 285 -12.27 0.92 24.46
CA ILE A 285 -12.77 1.29 23.14
C ILE A 285 -13.97 0.42 22.76
N THR A 286 -13.80 -0.90 22.82
CA THR A 286 -14.86 -1.82 22.39
C THR A 286 -15.96 -1.99 23.43
N GLY A 287 -15.79 -1.44 24.63
CA GLY A 287 -16.83 -1.51 25.63
C GLY A 287 -17.49 -0.18 25.90
N ILE A 288 -17.07 0.49 26.98
CA ILE A 288 -17.78 1.67 27.44
C ILE A 288 -17.79 2.76 26.38
N ILE A 289 -16.66 2.99 25.72
CA ILE A 289 -16.61 4.04 24.70
C ILE A 289 -17.57 3.72 23.56
N SER A 290 -17.56 2.47 23.10
CA SER A 290 -18.46 2.08 22.01
C SER A 290 -19.92 2.21 22.43
N LYS A 291 -20.26 1.70 23.62
CA LYS A 291 -21.64 1.82 24.09
C LYS A 291 -22.05 3.27 24.25
N THR A 292 -21.11 4.13 24.68
CA THR A 292 -21.42 5.54 24.85
C THR A 292 -21.72 6.22 23.51
N ILE A 293 -20.80 6.07 22.55
CA ILE A 293 -21.02 6.64 21.22
C ILE A 293 -22.30 6.08 20.60
N SER A 294 -22.53 4.77 20.75
CA SER A 294 -23.75 4.18 20.19
C SER A 294 -24.99 4.83 20.77
N LYS A 295 -24.98 5.12 22.07
CA LYS A 295 -26.18 5.64 22.72
C LYS A 295 -26.35 7.13 22.50
N LYS A 296 -25.32 7.93 22.81
CA LYS A 296 -25.44 9.38 22.76
C LYS A 296 -24.35 10.06 21.96
N GLY A 297 -23.52 9.30 21.24
CA GLY A 297 -22.59 9.89 20.32
C GLY A 297 -21.28 10.32 20.94
N MET A 298 -20.53 11.08 20.15
CA MET A 298 -19.13 11.38 20.44
C MET A 298 -18.97 12.48 21.49
N LEU A 299 -19.86 13.48 21.49
CA LEU A 299 -19.80 14.53 22.51
C LEU A 299 -20.02 13.96 23.91
N GLU A 300 -20.80 12.88 24.01
CA GLU A 300 -21.08 12.31 25.33
C GLU A 300 -19.86 11.65 25.94
N VAL A 301 -18.96 11.12 25.12
CA VAL A 301 -17.70 10.59 25.65
C VAL A 301 -16.89 11.71 26.27
N TYR A 302 -16.89 12.89 25.64
CA TYR A 302 -16.23 14.05 26.23
C TYR A 302 -16.93 14.50 27.51
N ASN A 303 -18.26 14.63 27.45
CA ASN A 303 -19.00 15.13 28.61
C ASN A 303 -18.88 14.21 29.81
N SER A 304 -18.70 12.90 29.58
CA SER A 304 -18.63 11.94 30.68
C SER A 304 -17.27 11.93 31.38
N LEU A 305 -16.31 12.70 30.89
CA LEU A 305 -14.99 12.70 31.50
C LEU A 305 -14.94 13.68 32.68
N THR A 306 -13.95 13.47 33.53
CA THR A 306 -13.68 14.45 34.58
C THR A 306 -13.13 15.73 33.94
N GLU A 307 -13.02 16.77 34.76
CA GLU A 307 -12.43 18.01 34.26
C GLU A 307 -10.95 17.83 33.95
N GLU A 308 -10.30 16.89 34.64
CA GLU A 308 -8.92 16.56 34.29
C GLU A 308 -8.85 15.60 33.11
N GLY A 309 -9.81 14.67 33.00
CA GLY A 309 -9.85 13.80 31.84
C GLY A 309 -10.16 14.55 30.56
N LYS A 310 -11.00 15.58 30.65
CA LYS A 310 -11.27 16.42 29.49
C LYS A 310 -9.99 17.04 28.96
N LYS A 311 -9.12 17.49 29.85
CA LYS A 311 -7.81 18.00 29.45
C LYS A 311 -7.04 16.94 28.67
N GLU A 312 -6.88 15.76 29.27
CA GLU A 312 -6.14 14.67 28.62
C GLU A 312 -6.74 14.35 27.25
N PHE A 313 -8.07 14.24 27.19
CA PHE A 313 -8.75 13.96 25.93
C PHE A 313 -8.34 14.96 24.85
N ASN A 314 -8.35 16.25 25.20
CA ASN A 314 -8.00 17.29 24.23
C ASN A 314 -6.53 17.22 23.83
N LYS A 315 -5.68 16.72 24.73
CA LYS A 315 -4.27 16.52 24.39
C LYS A 315 -4.12 15.42 23.35
N ALA A 316 -4.78 14.28 23.58
CA ALA A 316 -4.70 13.17 22.62
C ALA A 316 -5.31 13.55 21.29
N TYR A 317 -6.53 14.11 21.32
CA TYR A 317 -7.20 14.50 20.08
C TYR A 317 -6.36 15.49 19.29
N SER A 318 -5.88 16.54 19.95
CA SER A 318 -5.12 17.58 19.25
C SER A 318 -3.88 17.01 18.58
N ALA A 319 -3.25 16.01 19.20
CA ALA A 319 -2.02 15.44 18.66
C ALA A 319 -2.28 14.36 17.62
N SER A 320 -3.45 13.73 17.64
CA SER A 320 -3.71 12.55 16.81
C SER A 320 -4.61 12.81 15.62
N PHE A 321 -5.32 13.94 15.57
CA PHE A 321 -6.28 14.15 14.50
C PHE A 321 -5.59 14.17 13.13
N TYR A 322 -4.49 14.90 13.02
CA TYR A 322 -3.86 15.08 11.71
C TYR A 322 -3.02 13.87 11.30
N PRO A 323 -2.24 13.28 12.22
CA PRO A 323 -1.56 12.03 11.86
C PRO A 323 -2.51 10.94 11.39
N CYS A 324 -3.71 10.86 11.99
CA CYS A 324 -4.69 9.88 11.53
C CYS A 324 -5.23 10.26 10.15
N MET A 325 -5.57 11.53 9.95
CA MET A 325 -5.98 11.98 8.63
C MET A 325 -4.95 11.66 7.57
N ASP A 326 -3.67 11.82 7.90
CA ASP A 326 -2.60 11.53 6.95
C ASP A 326 -2.77 10.16 6.32
N ILE A 327 -2.89 9.12 7.16
CA ILE A 327 -2.98 7.76 6.65
C ILE A 327 -4.34 7.51 6.01
N LEU A 328 -5.41 7.98 6.64
CA LEU A 328 -6.74 7.84 6.05
C LEU A 328 -6.80 8.45 4.67
N TYR A 329 -6.24 9.66 4.54
CA TYR A 329 -6.20 10.35 3.25
C TYR A 329 -5.45 9.53 2.21
N GLU A 330 -4.29 8.99 2.59
CA GLU A 330 -3.50 8.15 1.69
C GLU A 330 -4.27 6.89 1.32
N CYS A 331 -4.84 6.20 2.32
CA CYS A 331 -5.59 4.98 2.04
C CYS A 331 -6.77 5.26 1.11
N TYR A 332 -7.52 6.33 1.37
CA TYR A 332 -8.67 6.63 0.51
C TYR A 332 -8.25 6.82 -0.94
N GLU A 333 -7.16 7.55 -1.18
CA GLU A 333 -6.77 7.80 -2.57
C GLU A 333 -6.21 6.54 -3.22
N ASP A 334 -5.60 5.65 -2.44
CA ASP A 334 -5.22 4.35 -3.00
C ASP A 334 -6.44 3.55 -3.42
N VAL A 335 -7.51 3.60 -2.64
CA VAL A 335 -8.73 2.89 -2.98
C VAL A 335 -9.40 3.52 -4.20
N ALA A 336 -9.43 4.86 -4.25
CA ALA A 336 -10.14 5.53 -5.34
C ALA A 336 -9.38 5.43 -6.66
N SER A 337 -8.06 5.34 -6.60
CA SER A 337 -7.22 5.38 -7.80
C SER A 337 -7.16 4.06 -8.53
N GLY A 338 -7.51 2.96 -7.87
CA GLY A 338 -7.34 1.62 -8.41
C GLY A 338 -6.14 0.88 -7.86
N SER A 339 -5.20 1.59 -7.25
CA SER A 339 -4.01 0.93 -6.69
C SER A 339 -4.40 -0.15 -5.69
N GLU A 340 -5.28 0.17 -4.74
CA GLU A 340 -5.56 -0.76 -3.66
C GLU A 340 -6.36 -1.96 -4.13
N ILE A 341 -7.33 -1.77 -5.03
CA ILE A 341 -8.12 -2.90 -5.49
C ILE A 341 -7.25 -3.88 -6.29
N ARG A 342 -6.34 -3.36 -7.11
CA ARG A 342 -5.42 -4.25 -7.82
C ARG A 342 -4.51 -4.98 -6.84
N SER A 343 -4.06 -4.30 -5.79
CA SER A 343 -3.24 -4.97 -4.79
CA SER A 343 -3.24 -4.97 -4.78
C SER A 343 -3.99 -6.13 -4.14
N VAL A 344 -5.30 -5.96 -3.94
CA VAL A 344 -6.10 -7.02 -3.32
C VAL A 344 -6.22 -8.20 -4.28
N VAL A 345 -6.46 -7.94 -5.56
CA VAL A 345 -6.56 -9.03 -6.53
C VAL A 345 -5.26 -9.81 -6.58
N LEU A 346 -4.12 -9.12 -6.59
CA LEU A 346 -2.84 -9.81 -6.66
C LEU A 346 -2.53 -10.55 -5.36
N ALA A 347 -2.85 -9.93 -4.22
CA ALA A 347 -2.64 -10.60 -2.94
C ALA A 347 -3.37 -11.94 -2.90
N GLY A 348 -4.61 -11.98 -3.39
CA GLY A 348 -5.37 -13.21 -3.39
C GLY A 348 -4.78 -14.27 -4.29
N ARG A 349 -4.09 -13.87 -5.35
CA ARG A 349 -3.42 -14.86 -6.20
C ARG A 349 -2.17 -15.40 -5.54
N ARG A 350 -1.56 -14.60 -4.65
CA ARG A 350 -0.41 -15.09 -3.89
C ARG A 350 -0.79 -16.07 -2.80
N PHE A 351 -2.09 -16.32 -2.60
CA PHE A 351 -2.49 -17.38 -1.68
C PHE A 351 -2.07 -18.76 -2.19
N TYR A 352 -1.62 -18.85 -3.44
CA TYR A 352 -1.30 -20.12 -4.07
C TYR A 352 0.10 -20.06 -4.65
N GLU A 353 0.70 -21.25 -4.79
CA GLU A 353 2.04 -21.33 -5.37
C GLU A 353 2.00 -20.90 -6.84
N LYS A 354 3.00 -20.12 -7.24
CA LYS A 354 3.15 -19.73 -8.64
C LYS A 354 4.53 -19.13 -8.84
N GLU A 355 4.98 -19.12 -10.10
CA GLU A 355 6.25 -18.52 -10.49
C GLU A 355 7.42 -19.05 -9.65
N GLY A 356 7.29 -20.28 -9.15
CA GLY A 356 8.33 -20.89 -8.35
C GLY A 356 8.41 -20.41 -6.92
N LEU A 357 7.46 -19.61 -6.46
CA LEU A 357 7.48 -19.08 -5.11
C LEU A 357 6.43 -19.75 -4.24
N PRO A 358 6.63 -19.76 -2.93
CA PRO A 358 5.66 -20.40 -2.04
C PRO A 358 4.32 -19.69 -2.07
N ALA A 359 3.31 -20.37 -1.51
CA ALA A 359 2.03 -19.75 -1.28
C ALA A 359 2.08 -19.01 0.04
N PHE A 360 1.41 -17.86 0.10
CA PHE A 360 1.42 -17.00 1.29
C PHE A 360 -0.02 -16.68 1.71
N PRO A 361 -0.71 -17.65 2.29
CA PRO A 361 -2.01 -17.34 2.90
C PRO A 361 -1.83 -16.36 4.03
N MET A 362 -2.95 -15.77 4.44
CA MET A 362 -2.95 -14.86 5.58
C MET A 362 -2.51 -15.59 6.84
N GLY A 363 -1.78 -14.87 7.70
CA GLY A 363 -1.28 -15.41 8.94
C GLY A 363 -2.11 -14.98 10.13
N ASN A 364 -1.62 -15.36 11.31
CA ASN A 364 -2.27 -15.00 12.57
C ASN A 364 -1.85 -13.60 12.99
N ILE A 365 -2.82 -12.81 13.47
CA ILE A 365 -2.53 -11.47 13.97
C ILE A 365 -2.67 -11.37 15.48
N ASP A 366 -3.11 -12.43 16.16
CA ASP A 366 -3.46 -12.33 17.57
C ASP A 366 -2.59 -13.22 18.46
N GLN A 367 -1.39 -13.57 18.03
CA GLN A 367 -0.49 -14.38 18.81
C GLN A 367 0.59 -13.57 19.52
N THR A 368 0.56 -12.25 19.42
CA THR A 368 1.58 -11.41 20.02
C THR A 368 1.23 -11.12 21.48
N ARG A 369 2.13 -10.41 22.15
CA ARG A 369 2.03 -10.14 23.58
C ARG A 369 0.66 -9.61 23.97
N MET A 370 0.26 -8.49 23.37
CA MET A 370 -0.90 -7.76 23.87
C MET A 370 -2.18 -8.57 23.74
N TRP A 371 -2.23 -9.50 22.81
CA TRP A 371 -3.42 -10.34 22.66
C TRP A 371 -3.36 -11.57 23.54
N LYS A 372 -2.15 -12.03 23.91
CA LYS A 372 -2.04 -13.03 24.96
C LYS A 372 -2.48 -12.44 26.29
N VAL A 373 -2.14 -11.18 26.53
CA VAL A 373 -2.62 -10.48 27.73
C VAL A 373 -4.13 -10.33 27.69
N GLY A 374 -4.68 -10.07 26.51
CA GLY A 374 -6.12 -9.94 26.39
C GLY A 374 -6.85 -11.22 26.78
N GLU A 375 -6.32 -12.37 26.37
CA GLU A 375 -6.93 -13.63 26.76
C GLU A 375 -7.03 -13.75 28.27
N LYS A 376 -5.96 -13.40 28.98
CA LYS A 376 -5.97 -13.50 30.43
C LYS A 376 -6.98 -12.53 31.05
N VAL A 377 -7.06 -11.31 30.52
CA VAL A 377 -8.08 -10.37 30.99
C VAL A 377 -9.47 -10.98 30.86
N ARG A 378 -9.76 -11.57 29.69
CA ARG A 378 -11.10 -12.09 29.46
C ARG A 378 -11.42 -13.30 30.32
N SER A 379 -10.40 -14.10 30.69
CA SER A 379 -10.66 -15.26 31.54
C SER A 379 -11.17 -14.86 32.91
N THR A 380 -10.94 -13.61 33.33
CA THR A 380 -11.40 -13.11 34.62
C THR A 380 -12.58 -12.16 34.49
N ARG A 381 -12.92 -11.73 33.28
CA ARG A 381 -13.89 -10.65 33.10
C ARG A 381 -15.29 -11.09 33.54
N PRO A 382 -15.96 -10.32 34.39
CA PRO A 382 -17.40 -10.55 34.61
C PRO A 382 -18.17 -10.31 33.34
N GLU A 383 -19.39 -10.86 33.30
CA GLU A 383 -20.29 -10.55 32.20
C GLU A 383 -20.75 -9.10 32.31
N ASN A 384 -21.01 -8.49 31.15
CA ASN A 384 -21.45 -7.10 31.03
C ASN A 384 -20.36 -6.10 31.42
N ASP A 385 -19.12 -6.54 31.58
CA ASP A 385 -18.02 -5.61 31.82
C ASP A 385 -17.81 -4.73 30.58
N LEU A 386 -17.83 -3.41 30.79
CA LEU A 386 -17.56 -2.46 29.72
C LEU A 386 -16.16 -1.86 29.80
N GLY A 387 -15.39 -2.20 30.82
CA GLY A 387 -14.01 -1.74 30.93
C GLY A 387 -13.90 -0.30 31.37
N PRO A 388 -12.67 0.17 31.53
CA PRO A 388 -12.46 1.56 31.96
C PRO A 388 -12.52 2.53 30.79
N LEU A 389 -12.88 3.77 31.11
CA LEU A 389 -12.92 4.86 30.12
C LEU A 389 -11.69 5.73 30.36
N HIS A 390 -10.60 5.39 29.68
CA HIS A 390 -9.35 6.14 29.80
C HIS A 390 -9.40 7.38 28.92
N PRO A 391 -9.30 8.59 29.49
CA PRO A 391 -9.49 9.80 28.67
C PRO A 391 -8.51 9.93 27.52
N PHE A 392 -7.26 9.51 27.71
CA PHE A 392 -6.29 9.59 26.63
C PHE A 392 -6.68 8.65 25.48
N THR A 393 -6.97 7.39 25.81
CA THR A 393 -7.50 6.47 24.81
C THR A 393 -8.69 7.08 24.07
N ALA A 394 -9.61 7.67 24.82
CA ALA A 394 -10.81 8.27 24.22
C ALA A 394 -10.43 9.34 23.20
N GLY A 395 -9.43 10.17 23.52
CA GLY A 395 -9.04 11.23 22.60
C GLY A 395 -8.48 10.71 21.30
N VAL A 396 -7.63 9.67 21.37
CA VAL A 396 -7.08 9.10 20.15
C VAL A 396 -8.17 8.46 19.31
N TYR A 397 -9.09 7.73 19.94
CA TYR A 397 -10.11 7.02 19.20
C TYR A 397 -11.11 7.98 18.58
N VAL A 398 -11.56 8.99 19.33
CA VAL A 398 -12.48 9.97 18.77
C VAL A 398 -11.78 10.81 17.71
N ALA A 399 -10.49 11.08 17.86
CA ALA A 399 -9.76 11.79 16.82
C ALA A 399 -9.73 10.97 15.53
N LEU A 400 -9.44 9.68 15.65
CA LEU A 400 -9.45 8.80 14.48
C LEU A 400 -10.82 8.81 13.81
N MET A 401 -11.88 8.70 14.60
CA MET A 401 -13.22 8.61 13.99
C MET A 401 -13.64 9.95 13.40
N MET A 402 -13.24 11.07 14.01
CA MET A 402 -13.52 12.36 13.40
C MET A 402 -12.63 12.60 12.19
N ALA A 403 -11.40 12.08 12.18
CA ALA A 403 -10.54 12.26 11.02
C ALA A 403 -11.06 11.48 9.82
N GLN A 404 -11.55 10.25 10.05
CA GLN A 404 -12.20 9.50 8.97
C GLN A 404 -13.43 10.25 8.46
N ILE A 405 -14.23 10.79 9.37
CA ILE A 405 -15.39 11.58 8.99
C ILE A 405 -14.97 12.74 8.11
N GLU A 406 -13.86 13.40 8.47
CA GLU A 406 -13.42 14.58 7.70
C GLU A 406 -12.97 14.18 6.30
N VAL A 407 -12.22 13.08 6.18
CA VAL A 407 -11.75 12.65 4.87
C VAL A 407 -12.93 12.29 3.97
N LEU A 408 -13.88 11.54 4.50
CA LEU A 408 -15.04 11.14 3.69
C LEU A 408 -15.90 12.34 3.33
N ARG A 409 -16.05 13.29 4.26
CA ARG A 409 -16.76 14.52 3.95
C ARG A 409 -16.08 15.30 2.84
N LYS A 410 -14.77 15.54 2.98
CA LYS A 410 -14.05 16.32 1.97
C LYS A 410 -14.04 15.60 0.63
N LYS A 411 -14.12 14.27 0.64
CA LYS A 411 -14.14 13.50 -0.60
C LYS A 411 -15.54 13.33 -1.17
N GLY A 412 -16.55 13.92 -0.57
CA GLY A 412 -17.85 14.07 -1.20
C GLY A 412 -18.91 13.04 -0.87
N HIS A 413 -18.72 12.24 0.19
CA HIS A 413 -19.75 11.27 0.54
C HIS A 413 -20.85 11.92 1.36
N SER A 414 -22.02 11.28 1.34
CA SER A 414 -23.17 11.76 2.10
C SER A 414 -22.99 11.43 3.58
N TYR A 415 -23.73 12.17 4.41
CA TYR A 415 -23.61 11.97 5.85
C TYR A 415 -24.09 10.58 6.26
N SER A 416 -25.14 10.07 5.60
CA SER A 416 -25.63 8.75 5.96
C SER A 416 -24.58 7.67 5.70
N GLU A 417 -23.91 7.75 4.55
CA GLU A 417 -22.83 6.80 4.27
C GLU A 417 -21.68 6.96 5.25
N ILE A 418 -21.28 8.21 5.52
CA ILE A 418 -20.18 8.46 6.43
C ILE A 418 -20.47 7.88 7.81
N ILE A 419 -21.69 8.10 8.31
CA ILE A 419 -21.99 7.71 9.68
C ILE A 419 -22.14 6.20 9.80
N ASN A 420 -22.79 5.56 8.81
CA ASN A 420 -22.86 4.10 8.81
C ASN A 420 -21.47 3.48 8.81
N GLU A 421 -20.58 3.96 7.94
CA GLU A 421 -19.27 3.34 7.79
C GLU A 421 -18.26 3.75 8.84
N SER A 422 -18.43 4.92 9.48
CA SER A 422 -17.42 5.45 10.38
CA SER A 422 -17.42 5.43 10.38
C SER A 422 -17.84 5.43 11.84
N VAL A 423 -19.13 5.30 12.14
CA VAL A 423 -19.59 5.34 13.53
C VAL A 423 -20.38 4.09 13.87
N ILE A 424 -21.50 3.88 13.18
CA ILE A 424 -22.44 2.84 13.57
C ILE A 424 -21.82 1.46 13.44
N GLU A 425 -21.30 1.12 12.25
CA GLU A 425 -20.82 -0.24 12.03
C GLU A 425 -19.72 -0.60 13.03
N SER A 426 -18.86 0.36 13.36
CA SER A 426 -17.80 0.09 14.33
C SER A 426 -18.39 -0.19 15.71
N VAL A 427 -19.12 0.77 16.27
CA VAL A 427 -19.50 0.68 17.68
C VAL A 427 -20.60 -0.35 17.90
N ASP A 428 -21.51 -0.53 16.95
CA ASP A 428 -22.63 -1.46 17.15
C ASP A 428 -22.39 -2.84 16.60
N SER A 429 -21.49 -3.01 15.62
CA SER A 429 -21.36 -4.30 14.94
C SER A 429 -19.99 -4.94 15.12
N LEU A 430 -18.92 -4.24 14.77
CA LEU A 430 -17.60 -4.87 14.76
C LEU A 430 -16.89 -4.83 16.11
N ASN A 431 -16.82 -3.66 16.74
CA ASN A 431 -16.16 -3.56 18.03
C ASN A 431 -16.62 -4.61 19.03
N PRO A 432 -17.91 -4.92 19.14
CA PRO A 432 -18.33 -5.98 20.06
C PRO A 432 -17.63 -7.32 19.83
N PHE A 433 -17.15 -7.58 18.60
CA PHE A 433 -16.41 -8.82 18.36
C PHE A 433 -15.02 -8.77 18.99
N MET A 434 -14.34 -7.63 18.87
CA MET A 434 -13.07 -7.47 19.57
C MET A 434 -13.24 -7.56 21.08
N HIS A 435 -14.32 -6.99 21.61
CA HIS A 435 -14.57 -7.09 23.04
C HIS A 435 -14.73 -8.53 23.47
N ALA A 436 -15.37 -9.34 22.62
CA ALA A 436 -15.70 -10.71 23.02
C ALA A 436 -14.47 -11.61 23.01
N ARG A 437 -13.61 -11.50 21.99
CA ARG A 437 -12.53 -12.47 21.87
C ARG A 437 -11.28 -11.94 21.16
N GLY A 438 -11.07 -10.62 21.16
CA GLY A 438 -9.83 -10.08 20.62
C GLY A 438 -9.88 -9.79 19.13
N VAL A 439 -8.77 -9.23 18.64
CA VAL A 439 -8.77 -8.61 17.32
C VAL A 439 -9.02 -9.63 16.22
N ALA A 440 -8.46 -10.84 16.36
CA ALA A 440 -8.60 -11.83 15.30
C ALA A 440 -10.06 -12.21 15.10
N PHE A 441 -10.82 -12.31 16.19
CA PHE A 441 -12.22 -12.67 16.08
C PHE A 441 -13.02 -11.59 15.35
N MET A 442 -12.57 -10.33 15.43
CA MET A 442 -13.23 -9.26 14.69
C MET A 442 -12.73 -9.19 13.25
N VAL A 443 -11.40 -9.10 13.07
CA VAL A 443 -10.84 -8.94 11.73
C VAL A 443 -11.19 -10.13 10.85
N ASP A 444 -10.82 -11.34 11.28
CA ASP A 444 -10.88 -12.48 10.39
C ASP A 444 -12.26 -13.11 10.29
N ASN A 445 -13.29 -12.47 10.82
CA ASN A 445 -14.65 -12.86 10.46
C ASN A 445 -15.17 -12.08 9.27
N CYS A 446 -14.44 -11.06 8.82
CA CYS A 446 -14.86 -10.23 7.71
C CYS A 446 -14.40 -10.81 6.38
N SER A 447 -14.66 -10.07 5.30
CA SER A 447 -14.32 -10.51 3.96
C SER A 447 -12.81 -10.58 3.78
N THR A 448 -12.39 -11.40 2.81
CA THR A 448 -10.97 -11.47 2.46
C THR A 448 -10.40 -10.09 2.16
N THR A 449 -11.12 -9.31 1.34
CA THR A 449 -10.67 -7.97 1.03
C THR A 449 -10.48 -7.15 2.30
N ALA A 450 -11.39 -7.32 3.27
CA ALA A 450 -11.27 -6.57 4.53
C ALA A 450 -10.12 -7.10 5.38
N ARG A 451 -9.95 -8.42 5.42
CA ARG A 451 -8.83 -8.99 6.20
C ARG A 451 -7.49 -8.53 5.65
N LEU A 452 -7.35 -8.49 4.33
CA LEU A 452 -6.10 -8.00 3.74
C LEU A 452 -5.89 -6.53 4.07
N GLY A 453 -6.95 -5.72 3.93
CA GLY A 453 -6.83 -4.31 4.25
C GLY A 453 -6.39 -4.05 5.68
N SER A 454 -6.99 -4.78 6.63
CA SER A 454 -6.61 -4.61 8.03
C SER A 454 -5.12 -4.83 8.22
N ARG A 455 -4.60 -5.93 7.67
CA ARG A 455 -3.18 -6.25 7.85
C ARG A 455 -2.28 -5.25 7.16
N LYS A 456 -2.71 -4.73 6.01
CA LYS A 456 -1.86 -3.79 5.27
C LYS A 456 -1.79 -2.44 5.96
N TRP A 457 -2.89 -1.99 6.57
CA TRP A 457 -2.93 -0.62 7.06
C TRP A 457 -2.84 -0.49 8.57
N ALA A 458 -3.16 -1.53 9.34
CA ALA A 458 -2.93 -1.47 10.78
C ALA A 458 -1.50 -1.02 11.11
N PRO A 459 -0.46 -1.56 10.47
CA PRO A 459 0.91 -1.09 10.78
C PRO A 459 1.12 0.39 10.54
N ARG A 460 0.43 0.99 9.58
CA ARG A 460 0.67 2.40 9.25
C ARG A 460 0.09 3.33 10.32
N PHE A 461 -1.08 3.00 10.85
CA PHE A 461 -1.68 3.83 11.88
C PHE A 461 -0.88 3.72 13.17
N ASP A 462 -0.36 2.54 13.47
CA ASP A 462 0.50 2.36 14.65
C ASP A 462 1.75 3.23 14.53
N TYR A 463 2.42 3.17 13.37
CA TYR A 463 3.66 3.92 13.19
C TYR A 463 3.43 5.44 13.21
N ILE A 464 2.39 5.92 12.53
CA ILE A 464 2.18 7.37 12.48
C ILE A 464 1.81 7.91 13.86
N LEU A 465 0.96 7.17 14.59
CA LEU A 465 0.63 7.58 15.96
C LEU A 465 1.88 7.65 16.81
N THR A 466 2.74 6.65 16.70
CA THR A 466 3.93 6.57 17.55
C THR A 466 4.96 7.61 17.14
N GLN A 467 5.18 7.80 15.84
CA GLN A 467 6.21 8.71 15.37
C GLN A 467 5.81 10.17 15.48
N GLN A 468 4.52 10.49 15.36
CA GLN A 468 4.07 11.88 15.31
C GLN A 468 3.14 12.26 16.44
N ALA A 469 1.99 11.60 16.57
CA ALA A 469 1.02 11.98 17.61
C ALA A 469 1.66 11.88 18.99
N PHE A 470 2.28 10.74 19.30
CA PHE A 470 2.86 10.56 20.63
C PHE A 470 4.03 11.52 20.85
N VAL A 471 4.84 11.75 19.82
CA VAL A 471 5.95 12.70 19.94
C VAL A 471 5.43 14.09 20.27
N THR A 472 4.29 14.46 19.67
CA THR A 472 3.71 15.77 19.95
C THR A 472 3.25 15.87 21.40
N VAL A 473 2.73 14.77 21.96
CA VAL A 473 2.32 14.78 23.36
C VAL A 473 3.52 14.90 24.28
N ASP A 474 4.56 14.10 24.01
CA ASP A 474 5.73 14.09 24.89
C ASP A 474 6.53 15.38 24.81
N LYS A 475 6.16 16.28 23.92
CA LYS A 475 6.84 17.56 23.82
C LYS A 475 6.01 18.62 24.49
N ASP A 476 4.95 18.21 25.14
CA ASP A 476 4.09 19.14 25.82
C ASP A 476 3.71 20.23 24.84
N ALA A 477 3.39 19.82 23.63
CA ALA A 477 2.99 20.76 22.63
C ALA A 477 1.69 21.42 22.97
N PRO A 478 1.53 22.64 22.51
CA PRO A 478 0.27 23.34 22.73
C PRO A 478 -0.94 22.67 22.08
N ILE A 479 -2.12 22.92 22.61
CA ILE A 479 -3.33 22.35 22.07
C ILE A 479 -3.92 23.21 20.99
N ASN A 480 -4.14 22.64 19.81
CA ASN A 480 -4.79 23.37 18.76
C ASN A 480 -6.20 23.56 19.19
N GLN A 481 -6.50 24.74 19.68
CA GLN A 481 -7.82 25.01 20.19
C GLN A 481 -8.85 25.08 19.10
N ASP A 482 -8.44 25.43 17.89
CA ASP A 482 -9.38 25.43 16.77
C ASP A 482 -9.86 24.01 16.50
N LEU A 483 -8.95 23.06 16.44
CA LEU A 483 -9.36 21.66 16.32
C LEU A 483 -10.43 21.32 17.34
N ILE A 484 -10.13 21.58 18.62
CA ILE A 484 -11.06 21.23 19.70
C ILE A 484 -12.39 21.94 19.50
N SER A 485 -12.36 23.25 19.30
CA SER A 485 -13.60 23.99 19.08
C SER A 485 -14.35 23.44 17.87
N ASN A 486 -13.63 23.11 16.80
CA ASN A 486 -14.27 22.48 15.65
C ASN A 486 -14.87 21.13 16.03
N PHE A 487 -14.11 20.32 16.79
CA PHE A 487 -14.66 19.07 17.28
C PHE A 487 -15.98 19.30 18.01
N MET A 488 -15.97 20.21 18.98
CA MET A 488 -17.16 20.43 19.80
C MET A 488 -18.36 20.86 18.97
N SER A 489 -18.12 21.67 17.95
CA SER A 489 -19.19 22.29 17.17
C SER A 489 -19.47 21.59 15.85
N ASP A 490 -18.85 20.44 15.60
CA ASP A 490 -18.99 19.79 14.31
C ASP A 490 -20.45 19.44 14.03
N PRO A 491 -20.95 19.71 12.83
CA PRO A 491 -22.34 19.33 12.50
C PRO A 491 -22.59 17.84 12.50
N VAL A 492 -21.54 17.00 12.49
CA VAL A 492 -21.77 15.56 12.37
C VAL A 492 -22.44 15.02 13.62
N HIS A 493 -22.22 15.66 14.78
CA HIS A 493 -22.81 15.15 16.01
C HIS A 493 -24.33 15.20 15.95
N GLY A 494 -24.89 16.27 15.39
CA GLY A 494 -26.33 16.32 15.17
C GLY A 494 -26.77 15.34 14.10
N ALA A 495 -26.02 15.24 13.01
CA ALA A 495 -26.34 14.27 11.97
C ALA A 495 -26.36 12.86 12.54
N ILE A 496 -25.42 12.53 13.41
CA ILE A 496 -25.36 11.20 13.99
C ILE A 496 -26.58 10.90 14.83
N GLU A 497 -27.09 11.92 15.54
CA GLU A 497 -28.28 11.70 16.36
C GLU A 497 -29.50 11.38 15.50
N VAL A 498 -29.59 11.99 14.31
CA VAL A 498 -30.69 11.66 13.41
C VAL A 498 -30.49 10.26 12.84
N CYS A 499 -29.24 9.89 12.54
CA CYS A 499 -28.98 8.59 11.93
CA CYS A 499 -28.98 8.59 11.93
C CYS A 499 -29.18 7.46 12.94
N ALA A 500 -28.85 7.71 14.22
CA ALA A 500 -29.06 6.68 15.23
C ALA A 500 -30.53 6.34 15.37
N GLU A 501 -31.42 7.30 15.16
CA GLU A 501 -32.85 7.05 15.23
C GLU A 501 -33.35 6.19 14.08
N LEU A 502 -32.52 5.95 13.06
CA LEU A 502 -32.89 5.11 11.93
C LEU A 502 -32.33 3.71 12.02
N ARG A 503 -31.61 3.39 13.09
CA ARG A 503 -30.98 2.10 13.21
C ARG A 503 -32.03 1.01 13.42
N PRO A 504 -31.77 -0.21 12.92
CA PRO A 504 -32.74 -1.30 13.08
C PRO A 504 -33.14 -1.53 14.53
N THR A 505 -34.27 -2.20 14.74
CA THR A 505 -34.83 -2.45 16.08
C THR A 505 -34.89 -1.10 16.78
N VAL A 506 -34.37 -0.97 17.99
CA VAL A 506 -34.15 0.33 18.61
C VAL A 506 -32.69 0.76 18.50
N ASP A 507 -31.77 -0.20 18.60
CA ASP A 507 -30.35 0.07 18.44
C ASP A 507 -29.77 -0.75 17.29
N LEU B 15 20.47 -11.55 -21.64
CA LEU B 15 20.37 -10.19 -22.18
C LEU B 15 21.57 -9.84 -23.06
N ASP B 16 21.31 -9.68 -24.35
CA ASP B 16 22.29 -9.26 -25.33
C ASP B 16 22.06 -7.83 -25.80
N PHE B 17 23.10 -7.25 -26.38
CA PHE B 17 23.01 -5.97 -27.06
C PHE B 17 24.04 -5.95 -28.18
N ASP B 18 24.01 -4.89 -28.98
CA ASP B 18 24.85 -4.79 -30.17
C ASP B 18 25.45 -3.38 -30.22
N THR B 19 26.72 -3.26 -29.86
CA THR B 19 27.45 -2.01 -29.93
C THR B 19 28.49 -2.08 -31.05
N SER B 20 28.47 -1.09 -31.93
CA SER B 20 29.46 -1.00 -33.00
C SER B 20 30.71 -0.25 -32.58
N VAL B 21 30.75 0.30 -31.37
CA VAL B 21 31.84 1.14 -30.91
C VAL B 21 32.68 0.45 -29.85
N PHE B 22 32.04 -0.20 -28.88
CA PHE B 22 32.71 -0.73 -27.70
C PHE B 22 32.78 -2.24 -27.75
N ASN B 23 33.79 -2.78 -27.08
CA ASN B 23 33.89 -4.22 -26.84
C ASN B 23 33.13 -4.54 -25.57
N LYS B 24 32.29 -5.58 -25.63
CA LYS B 24 31.65 -6.11 -24.43
C LYS B 24 32.38 -7.36 -23.99
N GLU B 25 32.49 -7.54 -22.68
CA GLU B 25 33.13 -8.70 -22.10
C GLU B 25 32.09 -9.57 -21.41
N LYS B 26 32.34 -10.87 -21.39
CA LYS B 26 31.46 -11.81 -20.71
C LYS B 26 31.90 -11.99 -19.27
N VAL B 27 30.93 -12.02 -18.37
CA VAL B 27 31.14 -12.43 -16.99
C VAL B 27 30.15 -13.54 -16.69
N SER B 28 30.59 -14.50 -15.87
CA SER B 28 29.76 -15.63 -15.48
C SER B 28 29.36 -15.48 -14.02
N LEU B 29 28.06 -15.58 -13.75
CA LEU B 29 27.52 -15.43 -12.39
C LEU B 29 26.63 -16.63 -12.11
N ALA B 30 27.05 -17.48 -11.16
CA ALA B 30 26.33 -18.70 -10.86
C ALA B 30 26.00 -19.47 -12.13
N GLY B 31 26.95 -19.50 -13.06
CA GLY B 31 26.76 -20.15 -14.33
C GLY B 31 25.94 -19.37 -15.34
N HIS B 32 25.58 -18.13 -15.04
CA HIS B 32 24.77 -17.29 -15.93
C HIS B 32 25.66 -16.22 -16.54
N GLU B 33 25.76 -16.20 -17.86
CA GLU B 33 26.69 -15.35 -18.57
C GLU B 33 26.04 -13.99 -18.80
N GLU B 34 26.70 -12.93 -18.33
CA GLU B 34 26.26 -11.56 -18.58
C GLU B 34 27.35 -10.81 -19.33
N TYR B 35 26.93 -10.00 -20.29
CA TYR B 35 27.83 -9.14 -21.02
C TYR B 35 27.93 -7.79 -20.35
N ILE B 36 29.13 -7.23 -20.32
CA ILE B 36 29.40 -5.95 -19.67
C ILE B 36 30.37 -5.17 -20.54
N VAL B 37 30.45 -3.87 -20.30
CA VAL B 37 31.33 -3.04 -21.06
C VAL B 37 32.13 -2.23 -20.08
N ARG B 38 33.44 -2.33 -20.22
CA ARG B 38 34.32 -1.63 -19.31
C ARG B 38 34.59 -0.23 -19.80
N GLY B 39 34.69 0.70 -18.87
CA GLY B 39 34.93 2.06 -19.23
C GLY B 39 36.38 2.46 -19.15
N GLY B 40 36.66 3.72 -19.46
CA GLY B 40 38.01 4.21 -19.39
C GLY B 40 38.24 5.49 -20.15
N ARG B 41 39.01 6.38 -19.55
CA ARG B 41 39.33 7.62 -20.22
C ARG B 41 40.03 7.29 -21.52
N ASN B 42 40.66 6.13 -21.59
CA ASN B 42 41.25 5.72 -22.86
C ASN B 42 40.20 5.56 -23.96
N LEU B 43 38.92 5.42 -23.58
CA LEU B 43 37.86 5.25 -24.57
C LEU B 43 37.21 6.56 -24.98
N PHE B 44 37.51 7.66 -24.29
CA PHE B 44 36.97 8.96 -24.69
C PHE B 44 37.19 9.27 -26.17
N PRO B 45 38.33 8.92 -26.78
CA PRO B 45 38.45 9.09 -28.24
C PRO B 45 37.32 8.42 -29.01
N LEU B 46 36.72 7.38 -28.45
CA LEU B 46 35.60 6.68 -29.08
C LEU B 46 34.27 7.42 -28.92
N LEU B 47 34.25 8.51 -28.15
CA LEU B 47 32.97 9.15 -27.85
C LEU B 47 32.33 9.77 -29.09
N PRO B 48 33.04 10.53 -29.93
CA PRO B 48 32.37 11.10 -31.12
C PRO B 48 31.72 10.04 -32.00
N GLU B 49 32.36 8.87 -32.15
CA GLU B 49 31.71 7.78 -32.86
C GLU B 49 30.41 7.37 -32.17
N ALA B 50 30.43 7.30 -30.84
CA ALA B 50 29.25 6.85 -30.10
C ALA B 50 28.13 7.90 -30.17
N PHE B 51 28.48 9.17 -30.13
CA PHE B 51 27.51 10.26 -30.17
C PHE B 51 27.22 10.73 -31.59
N LYS B 52 27.20 9.81 -32.55
CA LYS B 52 26.88 10.16 -33.92
C LYS B 52 25.50 10.81 -34.01
N GLY B 53 25.41 11.87 -34.79
CA GLY B 53 24.17 12.59 -34.98
C GLY B 53 23.80 13.56 -33.87
N ILE B 54 24.62 13.66 -32.82
CA ILE B 54 24.35 14.54 -31.68
C ILE B 54 25.29 15.73 -31.77
N LYS B 55 24.71 16.94 -31.81
CA LYS B 55 25.48 18.16 -31.68
C LYS B 55 25.16 18.92 -30.40
N GLN B 56 24.07 18.60 -29.72
CA GLN B 56 23.77 19.19 -28.43
C GLN B 56 23.19 18.13 -27.49
N ILE B 57 23.70 18.11 -26.27
CA ILE B 57 23.16 17.30 -25.18
C ILE B 57 22.54 18.25 -24.17
N GLY B 58 21.24 18.12 -23.96
CA GLY B 58 20.53 18.90 -22.97
C GLY B 58 20.38 18.11 -21.68
N VAL B 59 20.90 18.68 -20.60
CA VAL B 59 20.82 18.07 -19.27
C VAL B 59 19.82 18.88 -18.46
N ILE B 60 18.63 18.32 -18.26
CA ILE B 60 17.55 19.02 -17.58
C ILE B 60 17.58 18.68 -16.10
N GLY B 61 17.62 19.72 -15.27
CA GLY B 61 17.68 19.56 -13.84
C GLY B 61 19.10 19.62 -13.31
N TRP B 62 19.31 20.28 -12.17
CA TRP B 62 20.65 20.45 -11.57
C TRP B 62 20.51 20.18 -10.07
N GLY B 63 20.42 18.91 -9.70
CA GLY B 63 20.35 18.53 -8.31
C GLY B 63 21.59 17.79 -7.85
N SER B 64 21.45 16.49 -7.61
CA SER B 64 22.57 15.64 -7.21
CA SER B 64 22.61 15.70 -7.21
C SER B 64 23.26 14.97 -8.38
N GLN B 65 22.52 14.74 -9.48
CA GLN B 65 23.10 14.14 -10.68
C GLN B 65 23.45 15.17 -11.74
N GLY B 66 22.74 16.29 -11.80
CA GLY B 66 22.97 17.30 -12.79
C GLY B 66 24.41 17.75 -12.89
N PRO B 67 24.96 18.25 -11.78
CA PRO B 67 26.37 18.69 -11.77
C PRO B 67 27.31 17.63 -12.30
N ALA B 68 27.38 16.50 -11.60
CA ALA B 68 28.34 15.45 -11.96
C ALA B 68 28.18 15.03 -13.41
N GLN B 69 26.95 14.75 -13.84
CA GLN B 69 26.72 14.26 -15.20
C GLN B 69 27.12 15.30 -16.24
N ALA B 70 26.58 16.52 -16.13
CA ALA B 70 26.98 17.59 -17.05
C ALA B 70 28.49 17.80 -17.01
N GLN B 71 29.03 17.97 -15.81
CA GLN B 71 30.48 18.16 -15.66
C GLN B 71 31.26 17.06 -16.35
N ASN B 72 30.93 15.80 -16.05
CA ASN B 72 31.65 14.69 -16.65
C ASN B 72 31.46 14.64 -18.16
N LEU B 73 30.22 14.83 -18.63
CA LEU B 73 29.97 14.77 -20.06
C LEU B 73 30.76 15.85 -20.80
N ARG B 74 30.66 17.10 -20.33
CA ARG B 74 31.44 18.17 -20.93
C ARG B 74 32.93 17.86 -20.89
N ASP B 75 33.41 17.33 -19.76
CA ASP B 75 34.84 17.14 -19.58
C ASP B 75 35.37 16.02 -20.46
N SER B 76 34.69 14.88 -20.49
CA SER B 76 35.12 13.78 -21.34
C SER B 76 35.02 14.14 -22.82
N LEU B 77 34.02 14.93 -23.20
CA LEU B 77 33.87 15.31 -24.60
C LEU B 77 34.98 16.26 -25.04
N ALA B 78 35.33 17.23 -24.19
CA ALA B 78 36.48 18.07 -24.48
C ALA B 78 37.73 17.23 -24.67
N GLU B 79 37.93 16.24 -23.78
CA GLU B 79 39.07 15.34 -23.91
C GLU B 79 39.15 14.75 -25.31
N ALA B 80 38.02 14.27 -25.83
CA ALA B 80 37.96 13.73 -27.18
C ALA B 80 37.99 14.81 -28.26
N LYS B 81 38.09 16.09 -27.86
CA LYS B 81 38.05 17.21 -28.79
C LYS B 81 36.76 17.15 -29.63
N SER B 82 35.64 16.98 -28.95
CA SER B 82 34.35 16.93 -29.61
C SER B 82 33.75 18.34 -29.70
N ASP B 83 33.03 18.58 -30.78
CA ASP B 83 32.31 19.82 -30.99
C ASP B 83 30.94 19.82 -30.32
N ILE B 84 30.62 18.77 -29.56
CA ILE B 84 29.28 18.63 -28.98
C ILE B 84 29.11 19.61 -27.83
N VAL B 85 27.97 20.30 -27.81
CA VAL B 85 27.64 21.25 -26.77
C VAL B 85 26.88 20.54 -25.67
N VAL B 86 27.35 20.67 -24.44
CA VAL B 86 26.64 20.21 -23.25
C VAL B 86 25.94 21.43 -22.66
N LYS B 87 24.61 21.42 -22.68
CA LYS B 87 23.79 22.53 -22.23
C LYS B 87 22.83 22.07 -21.15
N ILE B 88 22.80 22.81 -20.03
CA ILE B 88 21.83 22.54 -18.97
C ILE B 88 20.56 23.36 -19.20
N GLY B 89 19.42 22.72 -19.00
CA GLY B 89 18.16 23.41 -18.94
C GLY B 89 17.56 23.31 -17.55
N LEU B 90 17.15 24.45 -16.99
CA LEU B 90 16.55 24.49 -15.67
C LEU B 90 15.20 25.18 -15.74
N ARG B 91 14.30 24.77 -14.85
CA ARG B 91 12.96 25.32 -14.81
C ARG B 91 12.96 26.75 -14.31
N LYS B 92 11.91 27.48 -14.63
CA LYS B 92 11.71 28.82 -14.09
C LYS B 92 11.39 28.72 -12.61
N GLY B 93 12.25 29.31 -11.77
CA GLY B 93 12.16 29.16 -10.33
C GLY B 93 13.24 28.31 -9.73
N SER B 94 14.05 27.64 -10.55
CA SER B 94 15.19 26.90 -10.04
C SER B 94 16.17 27.85 -9.36
N LYS B 95 16.63 27.45 -8.17
CA LYS B 95 17.64 28.20 -7.43
C LYS B 95 19.04 27.68 -7.70
N SER B 96 19.25 27.03 -8.84
CA SER B 96 20.55 26.48 -9.20
C SER B 96 21.19 27.18 -10.40
N PHE B 97 20.55 28.22 -10.95
CA PHE B 97 21.15 28.97 -12.04
C PHE B 97 22.56 29.42 -11.68
N ASP B 98 22.74 29.92 -10.45
CA ASP B 98 24.04 30.44 -10.04
C ASP B 98 25.10 29.35 -10.04
N GLU B 99 24.82 28.21 -9.42
CA GLU B 99 25.81 27.13 -9.41
C GLU B 99 26.07 26.60 -10.81
N ALA B 100 25.04 26.55 -11.67
CA ALA B 100 25.26 26.16 -13.05
C ALA B 100 26.30 27.06 -13.71
N ARG B 101 26.22 28.37 -13.46
CA ARG B 101 27.23 29.29 -13.97
C ARG B 101 28.57 29.04 -13.30
N ALA B 102 28.56 28.74 -12.00
CA ALA B 102 29.81 28.47 -11.29
C ALA B 102 30.57 27.32 -11.92
N ALA B 103 29.86 26.30 -12.40
CA ALA B 103 30.48 25.15 -13.04
C ALA B 103 30.83 25.39 -14.50
N GLY B 104 30.74 26.63 -14.97
CA GLY B 104 31.10 26.95 -16.34
C GLY B 104 29.98 26.82 -17.34
N PHE B 105 28.75 26.59 -16.91
CA PHE B 105 27.61 26.41 -17.79
C PHE B 105 26.82 27.71 -17.79
N THR B 106 26.95 28.47 -18.86
CA THR B 106 26.36 29.81 -18.92
C THR B 106 25.65 30.02 -20.24
N GLU B 107 24.80 31.06 -20.24
CA GLU B 107 24.04 31.42 -21.44
C GLU B 107 24.93 32.01 -22.51
N GLU B 108 25.86 32.90 -22.13
CA GLU B 108 26.73 33.52 -23.12
C GLU B 108 27.56 32.48 -23.87
N SER B 109 28.01 31.44 -23.17
CA SER B 109 28.69 30.33 -23.83
C SER B 109 27.73 29.35 -24.49
N GLY B 110 26.43 29.55 -24.31
CA GLY B 110 25.45 28.66 -24.90
C GLY B 110 25.31 27.33 -24.19
N THR B 111 25.81 27.23 -22.95
CA THR B 111 25.78 25.99 -22.20
C THR B 111 24.72 25.98 -21.11
N LEU B 112 23.93 27.05 -20.98
CA LEU B 112 22.87 27.12 -20.00
C LEU B 112 21.68 27.85 -20.59
N GLY B 113 20.48 27.43 -20.21
CA GLY B 113 19.28 28.08 -20.67
C GLY B 113 18.06 27.54 -19.97
N ASP B 114 16.90 28.00 -20.43
CA ASP B 114 15.63 27.54 -19.87
C ASP B 114 15.35 26.09 -20.30
N ILE B 115 14.57 25.39 -19.48
CA ILE B 115 14.32 23.97 -19.69
C ILE B 115 13.75 23.73 -21.09
N TRP B 116 12.64 24.39 -21.39
CA TRP B 116 11.96 24.14 -22.66
C TRP B 116 12.84 24.53 -23.84
N GLU B 117 13.41 25.74 -23.80
CA GLU B 117 14.37 26.14 -24.83
C GLU B 117 15.48 25.11 -24.99
N THR B 118 16.02 24.63 -23.86
CA THR B 118 17.09 23.65 -23.93
C THR B 118 16.61 22.32 -24.50
N VAL B 119 15.43 21.85 -24.07
CA VAL B 119 14.86 20.64 -24.65
C VAL B 119 14.78 20.78 -26.16
N SER B 120 14.20 21.89 -26.63
CA SER B 120 13.96 22.07 -28.06
C SER B 120 15.23 21.89 -28.87
N GLY B 121 16.37 22.36 -28.36
CA GLY B 121 17.60 22.37 -29.13
C GLY B 121 18.49 21.15 -28.99
N SER B 122 18.16 20.22 -28.09
CA SER B 122 19.03 19.10 -27.83
C SER B 122 18.67 17.89 -28.69
N ASP B 123 19.70 17.17 -29.13
CA ASP B 123 19.52 15.89 -29.81
C ASP B 123 19.48 14.72 -28.83
N LEU B 124 20.03 14.91 -27.64
CA LEU B 124 19.94 13.95 -26.55
C LEU B 124 19.49 14.73 -25.31
N VAL B 125 18.38 14.29 -24.72
CA VAL B 125 17.78 14.98 -23.58
C VAL B 125 17.95 14.09 -22.37
N LEU B 126 18.83 14.48 -21.45
CA LEU B 126 19.04 13.75 -20.20
C LEU B 126 18.12 14.35 -19.14
N LEU B 127 17.05 13.62 -18.80
CA LEU B 127 16.04 14.13 -17.88
C LEU B 127 16.42 13.73 -16.47
N LEU B 128 17.06 14.64 -15.75
CA LEU B 128 17.52 14.41 -14.38
C LEU B 128 16.61 15.04 -13.34
N ILE B 129 15.47 15.60 -13.75
CA ILE B 129 14.56 16.20 -12.80
C ILE B 129 13.93 15.10 -11.95
N SER B 130 13.26 15.50 -10.88
CA SER B 130 12.73 14.56 -9.89
C SER B 130 11.62 13.69 -10.47
N ASP B 131 11.31 12.61 -9.75
CA ASP B 131 10.25 11.71 -10.15
C ASP B 131 8.92 12.44 -10.25
N ALA B 132 8.59 13.27 -9.25
CA ALA B 132 7.34 14.00 -9.28
C ALA B 132 7.29 14.98 -10.45
N ALA B 133 8.39 15.69 -10.70
CA ALA B 133 8.43 16.61 -11.82
C ALA B 133 8.21 15.90 -13.15
N GLN B 134 8.78 14.70 -13.30
CA GLN B 134 8.58 13.95 -14.53
C GLN B 134 7.12 13.55 -14.70
N ALA B 135 6.46 13.15 -13.62
CA ALA B 135 5.06 12.76 -13.70
C ALA B 135 4.16 13.94 -14.04
N ASP B 136 4.49 15.14 -13.57
CA ASP B 136 3.68 16.33 -13.81
C ASP B 136 4.05 17.06 -15.10
N ASN B 137 5.07 16.60 -15.83
CA ASN B 137 5.56 17.38 -16.96
C ASN B 137 5.88 16.57 -18.21
N TYR B 138 5.61 15.26 -18.22
CA TYR B 138 6.09 14.44 -19.34
C TYR B 138 5.44 14.87 -20.65
N GLU B 139 4.17 15.28 -20.61
CA GLU B 139 3.51 15.73 -21.84
C GLU B 139 4.25 16.91 -22.46
N LYS B 140 4.56 17.94 -21.66
CA LYS B 140 5.24 19.11 -22.20
C LYS B 140 6.66 18.77 -22.65
N ILE B 141 7.33 17.86 -21.94
CA ILE B 141 8.66 17.44 -22.37
C ILE B 141 8.57 16.77 -23.75
N PHE B 142 7.62 15.85 -23.91
CA PHE B 142 7.45 15.18 -25.19
C PHE B 142 7.12 16.18 -26.29
N SER B 143 6.29 17.18 -25.98
CA SER B 143 5.87 18.13 -27.01
CA SER B 143 5.87 18.14 -27.00
C SER B 143 7.02 19.02 -27.45
N HIS B 144 8.01 19.25 -26.60
CA HIS B 144 9.13 20.11 -26.98
C HIS B 144 10.30 19.36 -27.58
N MET B 145 10.35 18.04 -27.47
CA MET B 145 11.51 17.30 -27.98
C MET B 145 11.51 17.27 -29.50
N LYS B 146 12.71 17.31 -30.06
CA LYS B 146 12.88 17.14 -31.49
C LYS B 146 12.37 15.76 -31.91
N PRO B 147 11.59 15.66 -32.98
CA PRO B 147 11.31 14.33 -33.54
C PRO B 147 12.61 13.60 -33.84
N ASN B 148 12.62 12.30 -33.49
CA ASN B 148 13.74 11.40 -33.74
C ASN B 148 14.94 11.66 -32.82
N SER B 149 14.78 12.45 -31.77
CA SER B 149 15.87 12.64 -30.82
C SER B 149 15.85 11.50 -29.80
N ILE B 150 16.69 11.60 -28.79
CA ILE B 150 16.87 10.55 -27.79
C ILE B 150 16.56 11.12 -26.42
N LEU B 151 15.71 10.43 -25.67
CA LEU B 151 15.41 10.77 -24.29
C LEU B 151 16.24 9.88 -23.37
N GLY B 152 16.98 10.49 -22.45
CA GLY B 152 17.86 9.77 -21.55
C GLY B 152 17.39 9.91 -20.11
N LEU B 153 17.25 8.76 -19.46
CA LEU B 153 16.77 8.68 -18.08
C LEU B 153 17.83 8.01 -17.22
N SER B 154 18.05 8.56 -16.02
CA SER B 154 18.90 7.87 -15.05
C SER B 154 18.14 6.83 -14.25
N HIS B 155 16.81 6.80 -14.37
CA HIS B 155 16.00 5.86 -13.61
C HIS B 155 14.66 5.72 -14.32
N GLY B 156 14.06 4.54 -14.23
CA GLY B 156 12.92 4.20 -15.06
C GLY B 156 11.56 4.57 -14.52
N PHE B 157 11.50 5.46 -13.52
CA PHE B 157 10.23 5.82 -12.91
C PHE B 157 9.20 6.20 -13.96
N LEU B 158 9.58 7.10 -14.88
CA LEU B 158 8.63 7.61 -15.87
C LEU B 158 7.96 6.48 -16.65
N LEU B 159 8.75 5.50 -17.10
CA LEU B 159 8.16 4.37 -17.80
C LEU B 159 7.10 3.69 -16.95
N GLY B 160 7.43 3.43 -15.68
CA GLY B 160 6.44 2.85 -14.78
C GLY B 160 5.18 3.70 -14.66
N HIS B 161 5.36 5.02 -14.53
CA HIS B 161 4.21 5.92 -14.48
C HIS B 161 3.34 5.75 -15.72
N LEU B 162 3.96 5.80 -16.91
CA LEU B 162 3.21 5.68 -18.14
C LEU B 162 2.54 4.32 -18.25
N GLN B 163 3.25 3.25 -17.91
CA GLN B 163 2.67 1.92 -18.01
C GLN B 163 1.50 1.74 -17.04
N SER B 164 1.56 2.40 -15.88
CA SER B 164 0.46 2.33 -14.93
C SER B 164 -0.82 2.94 -15.48
N ALA B 165 -0.72 3.73 -16.54
CA ALA B 165 -1.89 4.30 -17.20
C ALA B 165 -2.15 3.68 -18.56
N GLY B 166 -1.46 2.59 -18.90
CA GLY B 166 -1.61 1.99 -20.21
C GLY B 166 -1.00 2.81 -21.33
N LEU B 167 -0.02 3.63 -21.02
CA LEU B 167 0.63 4.52 -21.99
C LEU B 167 2.08 4.10 -22.19
N ASP B 168 2.72 4.71 -23.18
CA ASP B 168 4.13 4.52 -23.45
C ASP B 168 4.72 5.84 -23.92
N PHE B 169 6.01 5.83 -24.22
CA PHE B 169 6.66 7.03 -24.73
C PHE B 169 6.23 7.30 -26.17
N PRO B 170 6.38 8.53 -26.64
CA PRO B 170 6.12 8.80 -28.05
C PRO B 170 6.98 7.88 -28.91
N LYS B 171 6.41 7.39 -30.01
CA LYS B 171 7.12 6.45 -30.86
CA LYS B 171 7.10 6.44 -30.87
C LYS B 171 8.10 7.10 -31.81
N ASN B 172 8.24 8.43 -31.77
CA ASN B 172 9.17 9.14 -32.64
C ASN B 172 10.51 9.43 -31.97
N ILE B 173 10.69 9.03 -30.72
CA ILE B 173 11.92 9.30 -30.00
C ILE B 173 12.51 7.99 -29.49
N SER B 174 13.84 7.96 -29.41
CA SER B 174 14.52 6.87 -28.74
C SER B 174 14.47 7.08 -27.23
N VAL B 175 14.51 5.98 -26.49
CA VAL B 175 14.44 6.04 -25.04
C VAL B 175 15.50 5.11 -24.48
N ILE B 176 16.44 5.67 -23.71
CA ILE B 176 17.54 4.93 -23.12
C ILE B 176 17.65 5.30 -21.66
N ALA B 177 18.46 4.52 -20.93
CA ALA B 177 18.68 4.79 -19.52
C ALA B 177 20.11 4.41 -19.15
N VAL B 178 20.72 5.23 -18.33
CA VAL B 178 22.03 4.95 -17.81
C VAL B 178 21.82 5.18 -16.34
N CYS B 179 21.81 4.11 -15.57
CA CYS B 179 21.47 4.21 -14.17
C CYS B 179 22.60 3.85 -13.24
N PRO B 180 22.89 4.73 -12.30
CA PRO B 180 24.03 4.51 -11.43
C PRO B 180 23.81 3.47 -10.36
N LYS B 181 24.88 2.77 -10.01
CA LYS B 181 24.80 1.81 -8.93
C LYS B 181 25.55 2.31 -7.70
N GLY B 182 25.11 3.43 -7.13
CA GLY B 182 25.76 3.98 -5.95
C GLY B 182 25.57 5.47 -5.74
N ILE B 197 44.37 6.90 -9.32
CA ILE B 197 43.85 5.56 -9.04
C ILE B 197 43.11 5.01 -10.25
N ASN B 198 43.85 4.33 -11.12
CA ASN B 198 43.27 3.75 -12.33
C ASN B 198 42.11 2.83 -11.97
N GLY B 199 40.95 3.08 -12.56
CA GLY B 199 39.79 2.23 -12.39
C GLY B 199 38.71 2.77 -11.48
N ALA B 200 38.87 3.97 -10.94
CA ALA B 200 37.85 4.54 -10.07
C ALA B 200 36.62 4.95 -10.86
N GLY B 201 35.50 5.05 -10.16
CA GLY B 201 34.24 5.41 -10.77
C GLY B 201 33.10 4.71 -10.07
N ILE B 202 31.92 4.80 -10.68
CA ILE B 202 30.71 4.19 -10.16
C ILE B 202 30.05 3.40 -11.29
N ASN B 203 29.77 2.12 -11.02
CA ASN B 203 29.16 1.28 -12.03
C ASN B 203 27.77 1.79 -12.39
N SER B 204 27.31 1.40 -13.57
CA SER B 204 26.00 1.78 -14.06
C SER B 204 25.35 0.60 -14.77
N SER B 205 24.03 0.60 -14.76
CA SER B 205 23.26 -0.24 -15.65
C SER B 205 22.70 0.62 -16.78
N PHE B 206 22.62 0.05 -17.98
CA PHE B 206 22.07 0.78 -19.11
C PHE B 206 20.96 -0.05 -19.75
N ALA B 207 19.99 0.67 -20.32
CA ALA B 207 18.86 0.04 -20.99
C ALA B 207 18.52 0.84 -22.24
N VAL B 208 18.02 0.14 -23.25
CA VAL B 208 17.51 0.75 -24.47
C VAL B 208 16.04 0.38 -24.54
N HIS B 209 15.16 1.35 -24.28
CA HIS B 209 13.73 1.06 -24.31
C HIS B 209 13.18 1.19 -25.72
N GLN B 210 13.56 2.24 -26.44
CA GLN B 210 13.22 2.40 -27.84
C GLN B 210 14.44 2.95 -28.57
N ASP B 211 14.60 2.52 -29.82
CA ASP B 211 15.74 2.90 -30.65
C ASP B 211 15.21 3.14 -32.07
N VAL B 212 15.04 4.41 -32.44
CA VAL B 212 14.38 4.72 -33.71
C VAL B 212 15.33 4.62 -34.90
N ASP B 213 16.64 4.67 -34.69
CA ASP B 213 17.59 4.64 -35.80
C ASP B 213 18.72 3.65 -35.64
N GLY B 214 18.88 3.03 -34.48
CA GLY B 214 20.01 2.14 -34.25
C GLY B 214 21.20 2.77 -33.57
N ARG B 215 21.10 4.04 -33.17
CA ARG B 215 22.16 4.71 -32.41
C ARG B 215 22.01 4.55 -30.90
N ALA B 216 20.88 4.02 -30.43
CA ALA B 216 20.56 4.09 -29.01
C ALA B 216 21.61 3.38 -28.16
N THR B 217 21.94 2.14 -28.50
CA THR B 217 22.88 1.38 -27.67
C THR B 217 24.20 2.12 -27.51
N ASP B 218 24.73 2.67 -28.61
CA ASP B 218 26.02 3.34 -28.55
C ASP B 218 25.95 4.66 -27.81
N VAL B 219 24.82 5.37 -27.90
CA VAL B 219 24.69 6.63 -27.18
C VAL B 219 24.57 6.39 -25.68
N ALA B 220 23.90 5.32 -25.28
CA ALA B 220 23.81 4.99 -23.87
C ALA B 220 25.16 4.51 -23.33
N LEU B 221 25.85 3.65 -24.08
CA LEU B 221 27.18 3.23 -23.67
C LEU B 221 28.14 4.41 -23.59
N GLY B 222 28.15 5.25 -24.63
CA GLY B 222 28.97 6.44 -24.56
C GLY B 222 28.63 7.33 -23.38
N TRP B 223 27.34 7.40 -23.05
CA TRP B 223 26.91 8.19 -21.90
C TRP B 223 27.45 7.58 -20.61
N SER B 224 27.38 6.27 -20.47
CA SER B 224 27.95 5.60 -19.31
C SER B 224 29.46 5.80 -19.25
N VAL B 225 30.15 5.50 -20.37
CA VAL B 225 31.60 5.68 -20.41
C VAL B 225 31.97 7.13 -20.12
N ALA B 226 31.23 8.07 -20.71
CA ALA B 226 31.51 9.49 -20.49
C ALA B 226 31.40 9.87 -19.03
N LEU B 227 30.61 9.13 -18.25
CA LEU B 227 30.43 9.42 -16.83
C LEU B 227 31.55 8.86 -15.97
N GLY B 228 32.38 7.97 -16.51
CA GLY B 228 33.40 7.32 -15.72
C GLY B 228 32.98 5.98 -15.14
N SER B 229 31.92 5.37 -15.65
CA SER B 229 31.46 4.07 -15.19
C SER B 229 32.54 3.04 -15.43
N PRO B 230 33.22 2.55 -14.39
CA PRO B 230 34.18 1.46 -14.61
C PRO B 230 33.54 0.27 -15.28
N PHE B 231 32.28 -0.02 -14.95
CA PHE B 231 31.53 -1.11 -15.53
C PHE B 231 30.11 -0.65 -15.85
N THR B 232 29.61 -1.07 -17.00
CA THR B 232 28.22 -0.83 -17.40
C THR B 232 27.54 -2.17 -17.62
N PHE B 233 26.58 -2.49 -16.78
CA PHE B 233 25.80 -3.71 -16.91
C PHE B 233 24.57 -3.45 -17.77
N ALA B 234 24.11 -4.51 -18.44
CA ALA B 234 22.92 -4.42 -19.28
C ALA B 234 21.68 -4.85 -18.51
N THR B 235 20.60 -4.11 -18.70
CA THR B 235 19.31 -4.43 -18.12
C THR B 235 18.22 -3.90 -19.05
N THR B 236 16.97 -4.09 -18.65
CA THR B 236 15.84 -3.46 -19.32
C THR B 236 15.29 -2.36 -18.43
N LEU B 237 14.70 -1.34 -19.06
CA LEU B 237 14.17 -0.23 -18.30
C LEU B 237 13.06 -0.67 -17.35
N GLU B 238 12.31 -1.71 -17.73
CA GLU B 238 11.26 -2.23 -16.86
C GLU B 238 11.85 -2.94 -15.65
N GLN B 239 12.94 -3.68 -15.85
CA GLN B 239 13.57 -4.35 -14.73
C GLN B 239 14.27 -3.34 -13.81
N GLU B 240 14.84 -2.27 -14.37
CA GLU B 240 15.51 -1.28 -13.54
CA GLU B 240 15.51 -1.28 -13.54
C GLU B 240 14.54 -0.64 -12.55
N TYR B 241 13.41 -0.09 -13.06
CA TYR B 241 12.55 0.65 -12.14
C TYR B 241 11.86 -0.29 -11.17
N LYS B 242 11.56 -1.52 -11.60
CA LYS B 242 11.02 -2.50 -10.68
C LYS B 242 12.01 -2.85 -9.59
N SER B 243 13.22 -3.26 -9.96
CA SER B 243 14.22 -3.62 -8.97
C SER B 243 14.57 -2.42 -8.09
N ASP B 244 14.63 -1.22 -8.66
CA ASP B 244 15.02 -0.05 -7.88
C ASP B 244 13.95 0.35 -6.88
N ILE B 245 12.71 0.50 -7.35
CA ILE B 245 11.63 0.95 -6.46
C ILE B 245 11.32 -0.12 -5.42
N PHE B 246 11.37 -1.40 -5.81
CA PHE B 246 11.13 -2.47 -4.83
C PHE B 246 12.30 -2.59 -3.87
N GLY B 247 13.53 -2.54 -4.40
CA GLY B 247 14.70 -2.71 -3.54
C GLY B 247 14.75 -1.72 -2.40
N GLU B 248 14.42 -0.46 -2.66
CA GLU B 248 14.46 0.55 -1.61
C GLU B 248 13.35 0.36 -0.59
N ARG B 249 12.23 -0.25 -0.98
CA ARG B 249 11.20 -0.61 -0.01
C ARG B 249 11.59 -1.86 0.77
N GLY B 250 12.43 -2.71 0.20
CA GLY B 250 12.96 -3.86 0.90
C GLY B 250 14.21 -3.54 1.71
N ILE B 251 15.28 -4.33 1.51
CA ILE B 251 16.41 -4.31 2.44
C ILE B 251 17.08 -2.94 2.51
N LEU B 252 17.07 -2.19 1.40
CA LEU B 252 17.81 -0.92 1.37
C LEU B 252 17.33 0.03 2.47
N LEU B 253 16.02 0.18 2.61
CA LEU B 253 15.49 1.17 3.56
C LEU B 253 14.32 0.61 4.36
N GLY B 254 13.21 0.34 3.68
CA GLY B 254 12.00 -0.10 4.34
C GLY B 254 12.21 -1.27 5.27
N ALA B 255 12.73 -2.38 4.73
CA ALA B 255 12.78 -3.62 5.51
C ALA B 255 13.77 -3.53 6.67
N VAL B 256 14.96 -2.96 6.43
CA VAL B 256 15.94 -2.91 7.51
C VAL B 256 15.43 -2.04 8.64
N HIS B 257 14.73 -0.96 8.33
CA HIS B 257 14.13 -0.14 9.38
C HIS B 257 13.07 -0.92 10.13
N GLY B 258 12.29 -1.74 9.42
CA GLY B 258 11.25 -2.50 10.09
C GLY B 258 11.80 -3.57 11.02
N ILE B 259 12.77 -4.35 10.53
CA ILE B 259 13.31 -5.43 11.35
C ILE B 259 14.12 -4.90 12.53
N VAL B 260 14.73 -3.73 12.36
CA VAL B 260 15.49 -3.14 13.46
C VAL B 260 14.55 -2.66 14.56
N GLU B 261 13.40 -2.09 14.17
CA GLU B 261 12.39 -1.68 15.15
C GLU B 261 11.76 -2.88 15.83
N ALA B 262 11.53 -3.97 15.08
CA ALA B 262 10.92 -5.14 15.66
C ALA B 262 11.82 -5.78 16.70
N LEU B 263 13.13 -5.86 16.43
CA LEU B 263 14.05 -6.52 17.34
C LEU B 263 14.34 -5.67 18.57
N PHE B 264 14.50 -4.36 18.39
CA PHE B 264 14.68 -3.48 19.54
C PHE B 264 13.56 -3.70 20.55
N ARG B 265 12.31 -3.71 20.08
CA ARG B 265 11.18 -3.93 20.95
C ARG B 265 11.24 -5.31 21.59
N ARG B 266 11.57 -6.34 20.80
CA ARG B 266 11.68 -7.68 21.34
C ARG B 266 12.76 -7.75 22.42
N TYR B 267 13.97 -7.29 22.10
CA TYR B 267 15.07 -7.38 23.06
C TYR B 267 14.76 -6.64 24.35
N THR B 268 14.23 -5.42 24.24
CA THR B 268 13.91 -4.67 25.45
C THR B 268 12.77 -5.33 26.22
N GLU B 269 11.79 -5.89 25.50
CA GLU B 269 10.76 -6.69 26.18
C GLU B 269 11.38 -7.82 26.98
N GLN B 270 12.46 -8.41 26.46
CA GLN B 270 13.14 -9.51 27.14
C GLN B 270 14.08 -9.06 28.24
N GLY B 271 14.20 -7.77 28.49
CA GLY B 271 14.96 -7.25 29.61
C GLY B 271 16.32 -6.67 29.26
N MET B 272 16.76 -6.79 28.00
CA MET B 272 18.06 -6.26 27.63
C MET B 272 18.05 -4.74 27.69
N ASP B 273 19.13 -4.16 28.22
CA ASP B 273 19.17 -2.72 28.40
C ASP B 273 19.05 -2.02 27.04
N GLU B 274 18.42 -0.84 27.06
CA GLU B 274 18.05 -0.17 25.81
C GLU B 274 19.26 0.04 24.91
N GLU B 275 20.39 0.45 25.49
CA GLU B 275 21.54 0.79 24.66
C GLU B 275 22.15 -0.45 24.01
N MET B 276 22.30 -1.54 24.77
CA MET B 276 22.77 -2.77 24.15
C MET B 276 21.77 -3.31 23.14
N ALA B 277 20.48 -3.06 23.38
CA ALA B 277 19.48 -3.43 22.38
C ALA B 277 19.71 -2.66 21.07
N TYR B 278 19.89 -1.35 21.17
CA TYR B 278 20.22 -0.57 19.97
C TYR B 278 21.51 -1.08 19.32
N LYS B 279 22.54 -1.31 20.13
CA LYS B 279 23.82 -1.74 19.57
C LYS B 279 23.74 -3.14 18.98
N ASN B 280 22.93 -4.02 19.58
CA ASN B 280 22.78 -5.38 19.06
C ASN B 280 21.93 -5.43 17.79
N THR B 281 21.27 -4.34 17.42
CA THR B 281 20.47 -4.30 16.20
C THR B 281 21.09 -3.35 15.18
N VAL B 282 20.91 -2.05 15.38
CA VAL B 282 21.37 -1.08 14.39
C VAL B 282 22.89 -1.10 14.26
N GLU B 283 23.60 -0.97 15.38
CA GLU B 283 25.05 -0.92 15.33
C GLU B 283 25.63 -2.18 14.71
N GLY B 284 25.14 -3.33 15.13
CA GLY B 284 25.58 -4.59 14.55
C GLY B 284 25.39 -4.66 13.05
N ILE B 285 24.16 -4.44 12.60
CA ILE B 285 23.86 -4.57 11.17
C ILE B 285 24.67 -3.57 10.35
N THR B 286 24.61 -2.29 10.73
CA THR B 286 25.27 -1.25 9.93
C THR B 286 26.78 -1.27 10.04
N GLY B 287 27.33 -2.00 11.01
CA GLY B 287 28.77 -2.02 11.19
C GLY B 287 29.40 -3.34 10.87
N ILE B 288 29.55 -4.22 11.88
CA ILE B 288 30.31 -5.44 11.70
C ILE B 288 29.63 -6.38 10.70
N ILE B 289 28.30 -6.51 10.78
CA ILE B 289 27.60 -7.36 9.83
C ILE B 289 27.77 -6.83 8.42
N SER B 290 27.63 -5.52 8.23
CA SER B 290 27.78 -4.94 6.89
C SER B 290 29.19 -5.14 6.38
N LYS B 291 30.19 -4.80 7.19
CA LYS B 291 31.58 -4.95 6.75
C LYS B 291 31.89 -6.42 6.45
N THR B 292 31.37 -7.34 7.24
CA THR B 292 31.63 -8.76 7.00
C THR B 292 31.06 -9.19 5.64
N ILE B 293 29.80 -8.84 5.37
CA ILE B 293 29.22 -9.15 4.06
C ILE B 293 30.02 -8.51 2.95
N SER B 294 30.44 -7.26 3.13
CA SER B 294 31.13 -6.54 2.08
C SER B 294 32.44 -7.23 1.70
N LYS B 295 33.16 -7.77 2.69
CA LYS B 295 34.45 -8.38 2.42
C LYS B 295 34.30 -9.82 1.96
N LYS B 296 33.68 -10.66 2.79
CA LYS B 296 33.61 -12.10 2.52
C LYS B 296 32.19 -12.64 2.41
N GLY B 297 31.19 -11.77 2.29
CA GLY B 297 29.84 -12.21 1.98
C GLY B 297 29.07 -12.73 3.18
N MET B 298 27.89 -13.27 2.88
CA MET B 298 26.97 -13.71 3.92
C MET B 298 27.50 -14.95 4.65
N LEU B 299 28.06 -15.90 3.90
CA LEU B 299 28.55 -17.13 4.51
C LEU B 299 29.62 -16.90 5.55
N GLU B 300 30.33 -15.76 5.52
CA GLU B 300 31.33 -15.50 6.54
C GLU B 300 30.76 -14.78 7.76
N VAL B 301 29.49 -14.34 7.71
CA VAL B 301 28.82 -13.85 8.91
C VAL B 301 28.48 -15.02 9.83
N TYR B 302 27.85 -16.07 9.27
CA TYR B 302 27.54 -17.29 10.01
C TYR B 302 28.82 -17.95 10.52
N ASN B 303 29.76 -18.24 9.61
CA ASN B 303 30.98 -18.95 10.02
C ASN B 303 31.77 -18.21 11.08
N SER B 304 31.47 -16.93 11.33
CA SER B 304 32.17 -16.14 12.33
C SER B 304 31.57 -16.23 13.72
N LEU B 305 30.42 -16.89 13.86
CA LEU B 305 29.77 -17.01 15.16
C LEU B 305 30.30 -18.21 15.93
N THR B 306 30.17 -18.14 17.25
CA THR B 306 30.42 -19.31 18.07
C THR B 306 29.46 -20.42 17.67
N GLU B 307 29.72 -21.63 18.19
CA GLU B 307 28.82 -22.74 17.90
C GLU B 307 27.45 -22.49 18.48
N GLU B 308 27.37 -21.89 19.66
CA GLU B 308 26.08 -21.47 20.20
C GLU B 308 25.48 -20.36 19.35
N GLY B 309 26.31 -19.46 18.83
CA GLY B 309 25.80 -18.38 18.00
C GLY B 309 25.23 -18.86 16.68
N LYS B 310 25.89 -19.83 16.05
CA LYS B 310 25.35 -20.42 14.82
C LYS B 310 23.94 -20.96 15.05
N LYS B 311 23.69 -21.52 16.24
CA LYS B 311 22.37 -22.09 16.51
C LYS B 311 21.32 -21.00 16.64
N GLU B 312 21.64 -19.90 17.32
CA GLU B 312 20.71 -18.78 17.38
C GLU B 312 20.51 -18.15 15.99
N PHE B 313 21.59 -18.05 15.21
CA PHE B 313 21.46 -17.55 13.84
C PHE B 313 20.44 -18.38 13.05
N ASN B 314 20.54 -19.71 13.16
CA ASN B 314 19.68 -20.58 12.37
C ASN B 314 18.24 -20.52 12.84
N LYS B 315 18.02 -20.41 14.16
CA LYS B 315 16.66 -20.21 14.65
C LYS B 315 16.04 -18.95 14.07
N ALA B 316 16.79 -17.85 14.07
CA ALA B 316 16.26 -16.59 13.57
C ALA B 316 16.04 -16.64 12.06
N TYR B 317 17.04 -17.11 11.32
CA TYR B 317 16.91 -17.26 9.87
C TYR B 317 15.73 -18.15 9.53
N SER B 318 15.65 -19.33 10.15
CA SER B 318 14.60 -20.29 9.82
C SER B 318 13.21 -19.72 10.05
N ALA B 319 13.06 -18.84 11.06
CA ALA B 319 11.77 -18.25 11.37
C ALA B 319 11.45 -17.00 10.56
N SER B 320 12.47 -16.33 10.03
CA SER B 320 12.29 -15.01 9.44
C SER B 320 12.28 -15.00 7.92
N PHE B 321 12.81 -16.05 7.28
CA PHE B 321 12.95 -16.04 5.82
C PHE B 321 11.59 -15.86 5.14
N TYR B 322 10.61 -16.67 5.49
CA TYR B 322 9.35 -16.64 4.76
C TYR B 322 8.51 -15.43 5.13
N PRO B 323 8.34 -15.07 6.41
CA PRO B 323 7.69 -13.79 6.72
C PRO B 323 8.25 -12.64 5.89
N CYS B 324 9.57 -12.48 5.88
CA CYS B 324 10.19 -11.44 5.07
C CYS B 324 9.80 -11.60 3.59
N MET B 325 9.86 -12.83 3.08
CA MET B 325 9.50 -13.06 1.69
C MET B 325 8.04 -12.67 1.43
N ASP B 326 7.16 -12.95 2.39
CA ASP B 326 5.77 -12.56 2.28
C ASP B 326 5.64 -11.10 1.85
N ILE B 327 6.22 -10.19 2.64
CA ILE B 327 6.09 -8.76 2.35
C ILE B 327 6.86 -8.39 1.09
N LEU B 328 8.10 -8.89 0.94
CA LEU B 328 8.87 -8.62 -0.28
C LEU B 328 8.08 -9.00 -1.52
N TYR B 329 7.51 -10.20 -1.52
CA TYR B 329 6.72 -10.69 -2.65
C TYR B 329 5.55 -9.76 -2.93
N GLU B 330 4.83 -9.36 -1.88
CA GLU B 330 3.72 -8.41 -2.04
C GLU B 330 4.21 -7.08 -2.58
N CYS B 331 5.32 -6.57 -2.03
CA CYS B 331 5.82 -5.26 -2.46
C CYS B 331 6.25 -5.29 -3.92
N TYR B 332 7.00 -6.33 -4.31
CA TYR B 332 7.41 -6.44 -5.71
C TYR B 332 6.22 -6.35 -6.64
N GLU B 333 5.17 -7.12 -6.37
CA GLU B 333 4.06 -7.17 -7.30
C GLU B 333 3.30 -5.85 -7.36
N ASP B 334 3.22 -5.13 -6.24
CA ASP B 334 2.61 -3.80 -6.27
C ASP B 334 3.42 -2.84 -7.13
N VAL B 335 4.75 -2.99 -7.12
CA VAL B 335 5.60 -2.13 -7.95
C VAL B 335 5.43 -2.50 -9.43
N ALA B 336 5.42 -3.80 -9.72
CA ALA B 336 5.34 -4.24 -11.12
C ALA B 336 3.97 -3.98 -11.73
N SER B 337 2.92 -3.99 -10.91
CA SER B 337 1.56 -3.84 -11.41
C SER B 337 1.20 -2.40 -11.74
N GLY B 338 1.89 -1.43 -11.14
CA GLY B 338 1.55 -0.03 -11.27
C GLY B 338 0.88 0.57 -10.05
N SER B 339 0.45 -0.26 -9.10
CA SER B 339 -0.20 0.25 -7.90
C SER B 339 0.73 1.18 -7.13
N GLU B 340 1.97 0.74 -6.87
CA GLU B 340 2.85 1.53 -6.02
C GLU B 340 3.26 2.85 -6.67
N ILE B 341 3.64 2.83 -7.94
CA ILE B 341 4.01 4.08 -8.60
C ILE B 341 2.84 5.06 -8.58
N ARG B 342 1.62 4.60 -8.88
CA ARG B 342 0.47 5.47 -8.74
C ARG B 342 0.36 6.02 -7.32
N SER B 343 0.59 5.16 -6.32
CA SER B 343 0.55 5.61 -4.94
CA SER B 343 0.55 5.61 -4.94
C SER B 343 1.61 6.68 -4.68
N VAL B 344 2.81 6.50 -5.24
CA VAL B 344 3.87 7.49 -5.04
C VAL B 344 3.48 8.81 -5.68
N VAL B 345 2.96 8.77 -6.91
CA VAL B 345 2.53 10.00 -7.58
C VAL B 345 1.50 10.74 -6.74
N LEU B 346 0.47 10.01 -6.27
CA LEU B 346 -0.58 10.70 -5.51
C LEU B 346 -0.07 11.17 -4.16
N ALA B 347 0.76 10.37 -3.48
CA ALA B 347 1.34 10.81 -2.22
C ALA B 347 2.04 12.16 -2.39
N GLY B 348 2.77 12.33 -3.48
CA GLY B 348 3.48 13.58 -3.70
C GLY B 348 2.56 14.78 -3.85
N ARG B 349 1.38 14.57 -4.43
CA ARG B 349 0.44 15.68 -4.58
C ARG B 349 -0.24 16.02 -3.27
N ARG B 350 -0.31 15.07 -2.34
CA ARG B 350 -0.83 15.32 -1.01
C ARG B 350 0.13 16.13 -0.14
N PHE B 351 1.34 16.40 -0.62
CA PHE B 351 2.23 17.29 0.10
C PHE B 351 1.74 18.73 0.08
N TYR B 352 0.74 19.03 -0.75
CA TYR B 352 0.21 20.37 -0.89
C TYR B 352 -1.30 20.35 -0.71
N GLU B 353 -1.85 21.51 -0.39
CA GLU B 353 -3.28 21.61 -0.13
C GLU B 353 -4.07 21.37 -1.42
N LYS B 354 -5.15 20.60 -1.30
CA LYS B 354 -5.99 20.32 -2.45
C LYS B 354 -7.31 19.73 -1.98
N GLU B 355 -8.35 19.93 -2.79
CA GLU B 355 -9.68 19.38 -2.53
C GLU B 355 -10.20 19.78 -1.15
N GLY B 356 -9.77 20.94 -0.66
CA GLY B 356 -10.20 21.40 0.64
C GLY B 356 -9.60 20.66 1.81
N LEU B 357 -8.58 19.84 1.59
CA LEU B 357 -7.89 19.10 2.64
C LEU B 357 -6.53 19.70 2.93
N PRO B 358 -5.97 19.41 4.09
CA PRO B 358 -4.67 19.99 4.46
C PRO B 358 -3.53 19.38 3.66
N ALA B 359 -2.39 20.06 3.69
CA ALA B 359 -1.16 19.50 3.16
C ALA B 359 -0.58 18.54 4.18
N PHE B 360 0.01 17.45 3.69
CA PHE B 360 0.59 16.42 4.55
C PHE B 360 1.99 16.08 4.06
N PRO B 361 2.93 17.01 4.23
CA PRO B 361 4.33 16.69 3.93
C PRO B 361 4.81 15.54 4.79
N MET B 362 5.93 14.94 4.37
CA MET B 362 6.50 13.83 5.12
C MET B 362 6.93 14.28 6.50
N GLY B 363 6.77 13.40 7.48
CA GLY B 363 7.10 13.68 8.85
C GLY B 363 8.44 13.09 9.24
N ASN B 364 8.67 13.04 10.56
CA ASN B 364 9.95 12.60 11.12
C ASN B 364 9.82 11.17 11.61
N ILE B 365 10.83 10.35 11.31
CA ILE B 365 10.82 8.94 11.70
C ILE B 365 11.81 8.65 12.82
N ASP B 366 12.50 9.66 13.34
CA ASP B 366 13.66 9.44 14.21
C ASP B 366 13.47 9.99 15.61
N GLN B 367 12.26 10.35 16.00
CA GLN B 367 12.02 10.93 17.31
C GLN B 367 11.32 9.97 18.26
N THR B 368 11.34 8.68 17.97
CA THR B 368 10.78 7.67 18.85
C THR B 368 11.86 7.13 19.79
N ARG B 369 11.44 6.23 20.69
CA ARG B 369 12.33 5.72 21.73
C ARG B 369 13.68 5.31 21.18
N MET B 370 13.68 4.28 20.32
CA MET B 370 14.92 3.60 19.98
C MET B 370 15.92 4.53 19.31
N TRP B 371 15.45 5.55 18.61
CA TRP B 371 16.38 6.48 17.97
C TRP B 371 16.84 7.57 18.93
N LYS B 372 16.00 7.94 19.89
CA LYS B 372 16.48 8.78 20.98
C LYS B 372 17.51 8.04 21.81
N VAL B 373 17.32 6.73 22.00
CA VAL B 373 18.36 5.91 22.63
C VAL B 373 19.60 5.87 21.75
N GLY B 374 19.42 5.62 20.46
CA GLY B 374 20.55 5.58 19.55
C GLY B 374 21.39 6.84 19.56
N GLU B 375 20.76 7.98 19.85
CA GLU B 375 21.51 9.23 19.97
C GLU B 375 22.51 9.16 21.12
N LYS B 376 22.13 8.50 22.21
CA LYS B 376 23.03 8.39 23.36
C LYS B 376 24.20 7.46 23.05
N VAL B 377 23.93 6.32 22.42
CA VAL B 377 25.01 5.39 22.07
C VAL B 377 26.08 6.09 21.25
N ARG B 378 25.66 6.86 20.25
CA ARG B 378 26.64 7.43 19.32
C ARG B 378 27.48 8.52 19.98
N SER B 379 26.90 9.25 20.94
CA SER B 379 27.63 10.35 21.57
C SER B 379 28.94 9.88 22.20
N THR B 380 28.98 8.64 22.69
CA THR B 380 30.19 8.08 23.29
C THR B 380 30.78 6.94 22.49
N ARG B 381 30.34 6.74 21.24
CA ARG B 381 30.88 5.67 20.44
C ARG B 381 32.28 6.03 19.96
N PRO B 382 33.26 5.15 20.10
CA PRO B 382 34.59 5.43 19.55
C PRO B 382 34.59 5.29 18.04
N GLU B 383 35.57 5.93 17.42
CA GLU B 383 35.66 5.93 15.97
C GLU B 383 35.98 4.53 15.45
N ASN B 384 35.52 4.26 14.22
CA ASN B 384 35.70 2.96 13.58
C ASN B 384 35.11 1.82 14.40
N ASP B 385 34.21 2.12 15.34
CA ASP B 385 33.55 1.07 16.09
C ASP B 385 32.51 0.38 15.22
N LEU B 386 32.37 -0.94 15.39
CA LEU B 386 31.48 -1.73 14.57
C LEU B 386 30.39 -2.44 15.35
N GLY B 387 30.30 -2.25 16.66
CA GLY B 387 29.23 -2.79 17.45
C GLY B 387 29.28 -4.30 17.56
N PRO B 388 28.42 -4.86 18.43
CA PRO B 388 28.43 -6.31 18.64
C PRO B 388 27.73 -7.06 17.53
N LEU B 389 28.24 -8.26 17.25
CA LEU B 389 27.67 -9.14 16.23
C LEU B 389 26.71 -10.09 16.93
N HIS B 390 25.44 -9.70 16.98
CA HIS B 390 24.44 -10.50 17.68
C HIS B 390 23.93 -11.60 16.76
N PRO B 391 24.11 -12.88 17.11
CA PRO B 391 23.74 -13.96 16.18
C PRO B 391 22.27 -13.94 15.77
N PHE B 392 21.36 -13.64 16.70
CA PHE B 392 19.95 -13.58 16.33
C PHE B 392 19.70 -12.46 15.31
N THR B 393 20.18 -11.25 15.61
CA THR B 393 20.05 -10.15 14.66
C THR B 393 20.64 -10.53 13.31
N ALA B 394 21.82 -11.15 13.31
CA ALA B 394 22.45 -11.55 12.06
C ALA B 394 21.54 -12.51 11.29
N GLY B 395 20.92 -13.46 11.99
CA GLY B 395 20.05 -14.40 11.32
C GLY B 395 18.84 -13.73 10.67
N VAL B 396 18.27 -12.74 11.35
CA VAL B 396 17.14 -12.01 10.77
C VAL B 396 17.60 -11.20 9.55
N TYR B 397 18.68 -10.45 9.69
CA TYR B 397 19.11 -9.59 8.59
C TYR B 397 19.52 -10.41 7.37
N VAL B 398 20.22 -11.52 7.58
CA VAL B 398 20.63 -12.35 6.46
C VAL B 398 19.44 -13.05 5.84
N ALA B 399 18.44 -13.42 6.66
CA ALA B 399 17.22 -13.99 6.12
C ALA B 399 16.52 -13.01 5.18
N LEU B 400 16.43 -11.75 5.59
CA LEU B 400 15.83 -10.73 4.74
C LEU B 400 16.62 -10.57 3.44
N MET B 401 17.94 -10.54 3.53
CA MET B 401 18.78 -10.42 2.35
C MET B 401 18.55 -11.59 1.40
N MET B 402 18.54 -12.81 1.93
CA MET B 402 18.35 -13.98 1.09
C MET B 402 16.93 -14.05 0.54
N ALA B 403 15.96 -13.54 1.30
CA ALA B 403 14.58 -13.53 0.82
C ALA B 403 14.40 -12.56 -0.35
N GLN B 404 14.99 -11.35 -0.24
CA GLN B 404 14.95 -10.42 -1.36
C GLN B 404 15.58 -11.04 -2.60
N ILE B 405 16.72 -11.72 -2.42
CA ILE B 405 17.40 -12.34 -3.56
C ILE B 405 16.48 -13.33 -4.25
N GLU B 406 15.83 -14.19 -3.47
CA GLU B 406 14.97 -15.22 -4.07
C GLU B 406 13.79 -14.60 -4.81
N VAL B 407 13.23 -13.53 -4.27
CA VAL B 407 12.09 -12.88 -4.92
C VAL B 407 12.50 -12.33 -6.27
N LEU B 408 13.59 -11.54 -6.29
CA LEU B 408 14.09 -10.98 -7.54
C LEU B 408 14.49 -12.08 -8.51
N ARG B 409 15.08 -13.15 -8.01
CA ARG B 409 15.54 -14.24 -8.86
C ARG B 409 14.36 -14.90 -9.58
N LYS B 410 13.32 -15.25 -8.84
CA LYS B 410 12.15 -15.88 -9.46
C LYS B 410 11.33 -14.90 -10.27
N LYS B 411 11.50 -13.60 -10.04
CA LYS B 411 10.83 -12.58 -10.85
C LYS B 411 11.62 -12.20 -12.10
N GLY B 412 12.73 -12.89 -12.36
CA GLY B 412 13.41 -12.81 -13.65
C GLY B 412 14.57 -11.85 -13.75
N HIS B 413 15.09 -11.34 -12.63
CA HIS B 413 16.17 -10.36 -12.67
C HIS B 413 17.52 -11.05 -12.78
N SER B 414 18.49 -10.33 -13.35
CA SER B 414 19.83 -10.85 -13.52
C SER B 414 20.62 -10.74 -12.22
N TYR B 415 21.61 -11.61 -12.05
CA TYR B 415 22.36 -11.64 -10.81
C TYR B 415 23.06 -10.30 -10.54
N SER B 416 23.60 -9.67 -11.59
CA SER B 416 24.25 -8.38 -11.38
C SER B 416 23.27 -7.38 -10.77
N GLU B 417 22.05 -7.33 -11.28
CA GLU B 417 21.03 -6.45 -10.73
C GLU B 417 20.66 -6.86 -9.31
N ILE B 418 20.42 -8.17 -9.12
CA ILE B 418 20.03 -8.68 -7.80
C ILE B 418 21.10 -8.34 -6.77
N ILE B 419 22.35 -8.70 -7.05
CA ILE B 419 23.43 -8.46 -6.09
C ILE B 419 23.66 -6.98 -5.90
N ASN B 420 23.74 -6.23 -7.01
CA ASN B 420 24.02 -4.81 -6.93
C ASN B 420 22.89 -4.00 -6.30
N GLU B 421 21.75 -4.63 -6.00
CA GLU B 421 20.66 -3.92 -5.35
C GLU B 421 20.25 -4.50 -4.00
N SER B 422 20.52 -5.77 -3.73
CA SER B 422 20.15 -6.39 -2.46
C SER B 422 21.31 -6.53 -1.49
N VAL B 423 22.55 -6.46 -1.97
CA VAL B 423 23.71 -6.70 -1.13
C VAL B 423 24.65 -5.50 -1.15
N ILE B 424 25.21 -5.20 -2.33
CA ILE B 424 26.31 -4.23 -2.40
C ILE B 424 25.85 -2.85 -1.92
N GLU B 425 24.74 -2.34 -2.46
CA GLU B 425 24.39 -0.96 -2.17
C GLU B 425 23.95 -0.78 -0.72
N SER B 426 23.40 -1.81 -0.08
CA SER B 426 23.01 -1.66 1.32
C SER B 426 24.21 -1.73 2.25
N VAL B 427 25.11 -2.68 2.05
CA VAL B 427 26.22 -2.84 2.99
C VAL B 427 27.35 -1.87 2.68
N ASP B 428 27.50 -1.44 1.42
CA ASP B 428 28.60 -0.56 1.06
C ASP B 428 28.20 0.90 0.91
N SER B 429 26.92 1.21 0.74
CA SER B 429 26.49 2.59 0.49
C SER B 429 25.54 3.12 1.55
N LEU B 430 24.44 2.43 1.82
CA LEU B 430 23.40 2.98 2.67
C LEU B 430 23.61 2.69 4.15
N ASN B 431 23.93 1.44 4.50
CA ASN B 431 24.11 1.10 5.92
C ASN B 431 25.08 2.02 6.63
N PRO B 432 26.21 2.41 6.05
CA PRO B 432 27.09 3.39 6.73
C PRO B 432 26.37 4.66 7.17
N PHE B 433 25.35 5.10 6.44
CA PHE B 433 24.60 6.28 6.86
C PHE B 433 23.85 6.02 8.16
N MET B 434 23.19 4.87 8.28
CA MET B 434 22.52 4.54 9.53
C MET B 434 23.53 4.45 10.67
N HIS B 435 24.59 3.66 10.49
CA HIS B 435 25.63 3.60 11.51
C HIS B 435 26.14 4.99 11.83
N ALA B 436 26.21 5.86 10.83
CA ALA B 436 26.74 7.20 11.04
C ALA B 436 25.85 7.99 12.00
N ARG B 437 24.57 8.17 11.63
CA ARG B 437 23.73 9.13 12.33
C ARG B 437 22.29 8.69 12.55
N GLY B 438 21.95 7.43 12.29
CA GLY B 438 20.61 6.96 12.55
C GLY B 438 19.77 6.81 11.29
N VAL B 439 18.53 6.37 11.50
CA VAL B 439 17.68 5.98 10.38
C VAL B 439 17.36 7.16 9.47
N ALA B 440 17.06 8.33 10.06
CA ALA B 440 16.67 9.47 9.24
C ALA B 440 17.81 9.88 8.31
N PHE B 441 19.03 9.96 8.85
CA PHE B 441 20.18 10.31 8.01
C PHE B 441 20.31 9.39 6.81
N MET B 442 19.90 8.12 6.97
CA MET B 442 19.90 7.18 5.86
C MET B 442 18.70 7.38 4.94
N VAL B 443 17.50 7.40 5.51
CA VAL B 443 16.28 7.39 4.70
C VAL B 443 16.08 8.74 4.02
N ASP B 444 15.92 9.81 4.82
CA ASP B 444 15.57 11.11 4.25
C ASP B 444 16.67 11.75 3.44
N ASN B 445 17.81 11.09 3.20
CA ASN B 445 18.78 11.59 2.25
C ASN B 445 18.66 10.89 0.90
N CYS B 446 17.63 10.05 0.73
CA CYS B 446 17.34 9.38 -0.52
C CYS B 446 16.24 10.10 -1.28
N SER B 447 15.93 9.59 -2.46
CA SER B 447 14.92 10.21 -3.31
C SER B 447 13.56 10.25 -2.60
N THR B 448 12.71 11.18 -3.04
CA THR B 448 11.37 11.28 -2.48
C THR B 448 10.61 9.96 -2.62
N THR B 449 10.75 9.31 -3.78
CA THR B 449 10.12 8.01 -3.97
C THR B 449 10.64 6.99 -2.96
N ALA B 450 11.95 6.99 -2.71
CA ALA B 450 12.50 6.07 -1.72
C ALA B 450 12.03 6.41 -0.32
N ARG B 451 12.00 7.70 0.02
CA ARG B 451 11.54 8.11 1.35
C ARG B 451 10.10 7.68 1.59
N LEU B 452 9.24 7.85 0.58
CA LEU B 452 7.86 7.39 0.71
C LEU B 452 7.78 5.88 0.88
N GLY B 453 8.57 5.14 0.10
CA GLY B 453 8.53 3.69 0.20
C GLY B 453 8.94 3.18 1.57
N SER B 454 9.98 3.79 2.15
CA SER B 454 10.45 3.34 3.47
C SER B 454 9.37 3.51 4.53
N ARG B 455 8.66 4.64 4.50
CA ARG B 455 7.60 4.88 5.48
C ARG B 455 6.43 3.93 5.27
N LYS B 456 6.11 3.59 4.02
CA LYS B 456 4.96 2.75 3.74
C LYS B 456 5.23 1.29 4.09
N TRP B 457 6.47 0.81 3.95
CA TRP B 457 6.70 -0.62 4.07
C TRP B 457 7.47 -1.05 5.31
N ALA B 458 8.26 -0.18 5.93
CA ALA B 458 8.88 -0.53 7.20
C ALA B 458 7.88 -1.04 8.23
N PRO B 459 6.74 -0.40 8.44
CA PRO B 459 5.74 -0.95 9.39
C PRO B 459 5.30 -2.35 9.02
N ARG B 460 5.29 -2.69 7.73
CA ARG B 460 4.84 -4.01 7.30
C ARG B 460 5.84 -5.08 7.73
N PHE B 461 7.13 -4.83 7.52
CA PHE B 461 8.15 -5.79 7.94
C PHE B 461 8.19 -5.93 9.46
N ASP B 462 8.00 -4.81 10.17
CA ASP B 462 7.99 -4.85 11.63
C ASP B 462 6.88 -5.77 12.13
N TYR B 463 5.67 -5.61 11.58
CA TYR B 463 4.52 -6.37 12.07
C TYR B 463 4.62 -7.85 11.74
N ILE B 464 5.04 -8.21 10.51
CA ILE B 464 5.05 -9.62 10.14
C ILE B 464 6.11 -10.38 10.93
N LEU B 465 7.27 -9.77 11.14
CA LEU B 465 8.28 -10.38 12.00
C LEU B 465 7.74 -10.60 13.40
N THR B 466 7.13 -9.55 13.97
CA THR B 466 6.60 -9.64 15.32
C THR B 466 5.45 -10.64 15.41
N GLN B 467 4.58 -10.67 14.40
CA GLN B 467 3.40 -11.53 14.43
C GLN B 467 3.73 -12.97 14.04
N GLN B 468 4.74 -13.20 13.21
CA GLN B 468 5.02 -14.53 12.68
C GLN B 468 6.40 -15.03 13.07
N ALA B 469 7.47 -14.36 12.64
CA ALA B 469 8.82 -14.85 12.93
C ALA B 469 9.03 -15.05 14.43
N PHE B 470 8.76 -14.00 15.21
CA PHE B 470 9.04 -14.05 16.64
C PHE B 470 8.12 -15.04 17.36
N VAL B 471 6.92 -15.27 16.84
CA VAL B 471 6.06 -16.30 17.41
C VAL B 471 6.63 -17.68 17.16
N THR B 472 7.17 -17.91 15.95
CA THR B 472 7.79 -19.19 15.65
C THR B 472 8.96 -19.47 16.58
N VAL B 473 9.81 -18.47 16.82
CA VAL B 473 10.93 -18.65 17.73
C VAL B 473 10.44 -18.94 19.13
N ASP B 474 9.44 -18.19 19.60
CA ASP B 474 8.92 -18.37 20.94
C ASP B 474 8.08 -19.63 21.08
N LYS B 475 7.70 -20.26 19.98
CA LYS B 475 7.13 -21.60 20.03
C LYS B 475 8.21 -22.67 20.19
N ASP B 476 9.49 -22.29 20.15
CA ASP B 476 10.61 -23.23 20.12
C ASP B 476 10.53 -24.16 18.92
N ALA B 477 9.97 -23.67 17.81
CA ALA B 477 9.88 -24.46 16.61
C ALA B 477 11.26 -24.98 16.23
N PRO B 478 11.37 -26.18 15.69
CA PRO B 478 12.68 -26.69 15.26
C PRO B 478 13.21 -25.93 14.05
N ILE B 479 14.51 -26.07 13.83
CA ILE B 479 15.16 -25.36 12.73
C ILE B 479 14.76 -25.98 11.40
N ASN B 480 14.34 -25.14 10.46
CA ASN B 480 14.08 -25.59 9.10
C ASN B 480 15.39 -25.83 8.38
N GLN B 481 15.86 -27.05 8.37
CA GLN B 481 17.18 -27.32 7.80
C GLN B 481 17.23 -27.19 6.30
N ASP B 482 16.09 -27.26 5.62
CA ASP B 482 16.08 -27.03 4.19
C ASP B 482 16.50 -25.60 3.88
N LEU B 483 15.96 -24.66 4.63
CA LEU B 483 16.34 -23.30 4.44
C LEU B 483 17.82 -23.16 4.72
N ILE B 484 18.27 -23.64 5.87
CA ILE B 484 19.66 -23.48 6.25
C ILE B 484 20.56 -24.12 5.24
N SER B 485 20.22 -25.32 4.84
CA SER B 485 20.98 -25.98 3.83
C SER B 485 21.04 -25.15 2.58
N ASN B 486 19.88 -24.69 2.12
CA ASN B 486 19.86 -23.88 0.91
C ASN B 486 20.69 -22.61 1.08
N PHE B 487 20.65 -22.02 2.27
CA PHE B 487 21.45 -20.82 2.53
C PHE B 487 22.94 -21.12 2.36
N MET B 488 23.44 -22.12 3.09
CA MET B 488 24.85 -22.50 2.98
C MET B 488 25.28 -22.72 1.55
N SER B 489 24.43 -23.31 0.72
CA SER B 489 24.83 -23.76 -0.61
C SER B 489 24.27 -22.90 -1.74
N ASP B 490 23.71 -21.74 -1.43
CA ASP B 490 23.07 -20.93 -2.45
C ASP B 490 24.10 -20.47 -3.49
N PRO B 491 23.81 -20.63 -4.78
CA PRO B 491 24.73 -20.12 -5.81
C PRO B 491 25.05 -18.63 -5.67
N VAL B 492 24.17 -17.85 -5.04
CA VAL B 492 24.37 -16.40 -5.03
C VAL B 492 25.62 -16.03 -4.26
N HIS B 493 26.04 -16.87 -3.30
CA HIS B 493 27.27 -16.60 -2.57
C HIS B 493 28.47 -16.55 -3.50
N GLY B 494 28.54 -17.48 -4.46
CA GLY B 494 29.61 -17.46 -5.44
C GLY B 494 29.48 -16.33 -6.45
N ALA B 495 28.24 -16.00 -6.84
CA ALA B 495 28.03 -14.85 -7.70
C ALA B 495 28.43 -13.56 -6.99
N ILE B 496 28.12 -13.46 -5.69
CA ILE B 496 28.50 -12.27 -4.93
C ILE B 496 30.02 -12.11 -4.93
N GLU B 497 30.77 -13.21 -4.92
CA GLU B 497 32.23 -13.11 -4.99
C GLU B 497 32.66 -12.51 -6.33
N VAL B 498 32.21 -13.11 -7.43
CA VAL B 498 32.53 -12.57 -8.76
C VAL B 498 32.13 -11.09 -8.82
N CYS B 499 30.90 -10.78 -8.40
CA CYS B 499 30.44 -9.40 -8.44
C CYS B 499 31.32 -8.50 -7.59
N ALA B 500 31.81 -9.01 -6.45
CA ALA B 500 32.70 -8.22 -5.61
C ALA B 500 33.92 -7.75 -6.38
N GLU B 501 34.48 -8.62 -7.22
CA GLU B 501 35.64 -8.26 -8.03
CA GLU B 501 35.65 -8.24 -8.01
C GLU B 501 35.31 -7.25 -9.12
N LEU B 502 34.04 -6.96 -9.34
CA LEU B 502 33.60 -6.00 -10.33
C LEU B 502 33.40 -4.61 -9.75
N ARG B 503 33.37 -4.50 -8.42
CA ARG B 503 33.14 -3.20 -7.78
C ARG B 503 34.37 -2.31 -7.95
N PRO B 504 34.18 -0.98 -7.96
CA PRO B 504 35.27 -0.03 -8.15
C PRO B 504 35.96 0.35 -6.84
MG MG C . -18.35 -3.00 4.58
MG MG D . -15.86 -4.53 2.75
C01 A1AKJ E . -18.29 -6.67 6.96
C02 A1AKJ E . -17.54 -7.80 6.69
C04 A1AKJ E . -16.59 -6.77 4.83
C06 A1AKJ E . -18.14 -5.58 6.11
C08 A1AKJ E . -18.57 -8.65 8.57
C13 A1AKJ E . -18.90 -9.68 9.64
C14 A1AKJ E . -19.67 -9.40 10.77
C15 A1AKJ E . -19.92 -10.41 11.68
C16 A1AKJ E . -19.41 -11.68 11.48
C17 A1AKJ E . -18.65 -11.95 10.36
C18 A1AKJ E . -18.40 -10.96 9.44
N03 A1AKJ E . -16.70 -7.81 5.63
N05 A1AKJ E . -17.31 -5.66 5.06
N09 A1AKJ E . -17.72 -8.85 7.59
O10 A1AKJ E . -18.77 -4.59 6.30
O11 A1AKJ E . -15.85 -6.82 3.91
O12 A1AKJ E . -17.17 -4.55 4.21
S07 A1AKJ E . -19.18 -7.07 8.37
MG MG F . 15.06 4.62 -6.20
MG MG G . 18.64 2.22 -6.67
C01 A1AKJ H . 19.53 5.74 -3.81
C02 A1AKJ H . 18.84 6.92 -3.52
C04 A1AKJ H . 16.99 6.16 -4.72
C06 A1AKJ H . 18.88 4.80 -4.57
C08 A1AKJ H . 20.79 7.46 -2.40
C13 A1AKJ H . 21.79 8.24 -1.56
C14 A1AKJ H . 21.61 9.61 -1.39
C15 A1AKJ H . 22.52 10.32 -0.64
C16 A1AKJ H . 23.61 9.68 -0.06
C17 A1AKJ H . 23.78 8.31 -0.25
C18 A1AKJ H . 22.87 7.60 -1.00
N03 A1AKJ H . 17.59 7.10 -3.99
N05 A1AKJ H . 17.63 5.02 -5.01
N09 A1AKJ H . 19.56 7.83 -2.74
O10 A1AKJ H . 19.42 3.78 -4.84
O11 A1AKJ H . 15.89 6.34 -5.13
O12 A1AKJ H . 16.98 4.06 -5.79
S07 A1AKJ H . 21.05 5.92 -3.05
#